data_6A92
#
_entry.id   6A92
#
_cell.length_a   88.519
_cell.length_b   255.388
_cell.length_c   36.179
_cell.angle_alpha   90.00
_cell.angle_beta   90.00
_cell.angle_gamma   90.00
#
_symmetry.space_group_name_H-M   'P 21 21 2'
#
loop_
_entity.id
_entity.type
_entity.pdbx_description
1 polymer acyclase
2 non-polymer 'CALCIUM ION'
3 non-polymer 2-AMINO-2-HYDROXYMETHYL-PROPANE-1,3-DIOL
4 non-polymer 'TETRAETHYLENE GLYCOL'
5 water water
#
_entity_poly.entity_id   1
_entity_poly.type   'polypeptide(L)'
_entity_poly.pdbx_seq_one_letter_code
;MKRKLIVAVVCLIFICFGINTPAHATSVVSIPINNAGFEDPFIEVVDDYTVDTPPGWTTYNPNNLVPEKRTTWTSNNGVG
YVGPGTQFYNQLAPEGRNIGYIYLAQKPGSGVAGFEQILDATLEPDTNYTLKVDVGNLAGTFKGLSFAGFPGYRVELLAG
DTVLAADHNNLFIKEGEFKTSTVTYTSTAKDLHLGQKLGIRLVNLLQDKFSGLDFDNVRLTAEPTEA
;
_entity_poly.pdbx_strand_id   A,B,C,D
#
loop_
_chem_comp.id
_chem_comp.type
_chem_comp.name
_chem_comp.formula
CA non-polymer 'CALCIUM ION' 'Ca 2'
PG4 non-polymer 'TETRAETHYLENE GLYCOL' 'C8 H18 O5'
TRS non-polymer 2-AMINO-2-HYDROXYMETHYL-PROPANE-1,3-DIOL 'C4 H12 N O3 1'
#
# COMPACT_ATOMS: atom_id res chain seq x y z
N SER A 27 25.55 25.13 31.48
CA SER A 27 26.23 23.84 31.82
C SER A 27 25.43 22.66 31.25
N VAL A 28 24.64 22.94 30.20
CA VAL A 28 23.88 21.90 29.49
C VAL A 28 24.83 21.19 28.54
N VAL A 29 24.71 19.86 28.50
CA VAL A 29 25.54 18.99 27.71
C VAL A 29 24.63 18.13 26.83
N SER A 30 24.90 18.06 25.53
CA SER A 30 24.20 17.10 24.63
C SER A 30 24.71 15.68 24.88
N ILE A 31 23.79 14.73 24.98
CA ILE A 31 24.14 13.33 25.06
C ILE A 31 24.06 12.75 23.65
N PRO A 32 25.15 12.19 23.09
CA PRO A 32 25.11 11.69 21.73
C PRO A 32 24.18 10.48 21.54
N ILE A 33 23.47 10.47 20.40
CA ILE A 33 22.52 9.43 20.04
C ILE A 33 22.82 9.05 18.59
N ASN A 34 22.92 7.75 18.27
CA ASN A 34 23.22 7.36 16.85
C ASN A 34 21.97 7.59 16.00
N ASN A 35 22.21 8.08 14.79
CA ASN A 35 21.12 8.22 13.78
C ASN A 35 19.88 8.87 14.42
N ALA A 36 20.14 9.96 15.16
CA ALA A 36 19.10 10.59 15.99
C ALA A 36 18.00 11.24 15.17
N GLY A 37 18.27 11.57 13.88
CA GLY A 37 17.25 12.12 13.06
C GLY A 37 16.88 11.20 11.90
N PHE A 38 17.23 9.92 12.03
CA PHE A 38 16.85 8.88 11.02
C PHE A 38 17.37 9.29 9.64
N GLU A 39 18.46 10.02 9.55
CA GLU A 39 18.94 10.48 8.25
C GLU A 39 19.64 9.35 7.49
N ASP A 40 19.99 8.25 8.15
CA ASP A 40 20.46 7.03 7.46
C ASP A 40 19.35 6.00 7.49
N PRO A 41 19.08 5.31 6.36
CA PRO A 41 19.67 5.57 5.07
C PRO A 41 19.13 6.77 4.30
N PHE A 42 19.94 7.26 3.35
CA PHE A 42 19.47 8.25 2.39
C PHE A 42 18.35 7.67 1.51
N ILE A 43 17.31 8.46 1.27
CA ILE A 43 16.16 8.06 0.45
C ILE A 43 16.00 9.11 -0.64
N GLU A 44 15.99 8.68 -1.91
CA GLU A 44 16.00 9.58 -3.05
C GLU A 44 14.64 10.22 -3.33
N VAL A 45 13.56 9.44 -3.33
CA VAL A 45 12.27 9.86 -3.87
C VAL A 45 11.31 10.20 -2.73
N VAL A 46 10.66 11.35 -2.83
CA VAL A 46 9.77 11.86 -1.79
C VAL A 46 8.69 10.80 -1.54
N ASP A 47 8.46 10.52 -0.26
CA ASP A 47 7.47 9.59 0.27
C ASP A 47 7.90 8.13 0.12
N ASP A 48 9.12 7.87 -0.33
CA ASP A 48 9.64 6.53 -0.29
C ASP A 48 10.04 6.19 1.14
N TYR A 49 10.24 4.92 1.43
CA TYR A 49 10.49 4.49 2.80
C TYR A 49 11.12 3.11 2.77
N THR A 50 11.82 2.75 3.85
CA THR A 50 12.34 1.43 4.05
C THR A 50 11.44 0.64 4.99
N VAL A 51 11.61 -0.67 5.06
CA VAL A 51 10.80 -1.51 5.94
C VAL A 51 11.70 -2.27 6.91
N ASP A 52 12.96 -1.85 7.06
CA ASP A 52 13.88 -2.48 8.01
C ASP A 52 14.23 -1.51 9.13
N THR A 53 14.59 -2.08 10.28
CA THR A 53 14.95 -1.26 11.41
C THR A 53 16.02 -0.26 10.99
N PRO A 54 15.89 1.03 11.32
CA PRO A 54 16.92 2.02 10.95
C PRO A 54 18.25 1.73 11.61
N PRO A 55 19.41 1.98 10.94
CA PRO A 55 20.71 1.74 11.53
C PRO A 55 20.82 2.56 12.83
N GLY A 56 21.48 1.98 13.83
CA GLY A 56 21.68 2.67 15.12
C GLY A 56 20.59 2.36 16.13
N TRP A 57 19.45 1.87 15.65
CA TRP A 57 18.25 1.60 16.45
C TRP A 57 17.96 0.11 16.48
N THR A 58 17.15 -0.30 17.47
CA THR A 58 16.55 -1.62 17.48
C THR A 58 15.04 -1.48 17.47
N THR A 59 14.36 -2.57 17.16
CA THR A 59 12.92 -2.61 17.20
C THR A 59 12.48 -3.05 18.60
N TYR A 60 11.78 -2.15 19.28
CA TYR A 60 11.14 -2.44 20.55
C TYR A 60 9.90 -3.26 20.24
N ASN A 61 9.84 -4.50 20.74
CA ASN A 61 8.84 -5.46 20.24
C ASN A 61 8.31 -6.32 21.36
N PRO A 62 7.76 -5.72 22.44
CA PRO A 62 7.40 -6.50 23.62
C PRO A 62 6.20 -7.45 23.42
N ASN A 63 5.45 -7.29 22.31
CA ASN A 63 4.29 -8.11 22.03
C ASN A 63 4.48 -8.86 20.70
N ASN A 64 5.70 -8.85 20.19
CA ASN A 64 6.07 -9.58 18.96
C ASN A 64 5.18 -9.17 17.77
N LEU A 65 4.73 -7.93 17.72
CA LEU A 65 3.82 -7.47 16.65
C LEU A 65 4.57 -7.26 15.32
N VAL A 66 5.84 -6.90 15.38
CA VAL A 66 6.62 -6.60 14.19
C VAL A 66 7.42 -7.85 13.85
N PRO A 67 7.27 -8.40 12.62
CA PRO A 67 8.01 -9.59 12.26
C PRO A 67 9.46 -9.27 11.92
N GLU A 68 10.32 -10.27 12.05
CA GLU A 68 11.73 -10.14 11.71
C GLU A 68 11.90 -9.78 10.22
N LYS A 69 11.10 -10.43 9.38
CA LYS A 69 11.18 -10.16 7.94
C LYS A 69 9.90 -9.42 7.52
N ARG A 70 10.05 -8.17 7.08
CA ARG A 70 8.91 -7.34 6.84
C ARG A 70 8.67 -7.22 5.34
N THR A 71 7.43 -6.91 5.03
CA THR A 71 7.09 -6.54 3.67
C THR A 71 6.25 -5.27 3.72
N THR A 72 5.80 -4.80 2.56
CA THR A 72 4.90 -3.64 2.57
C THR A 72 3.53 -4.02 3.16
N TRP A 73 3.26 -5.32 3.35
CA TRP A 73 1.96 -5.80 3.81
C TRP A 73 1.95 -6.07 5.33
N THR A 74 3.09 -6.04 5.98
CA THR A 74 3.14 -6.44 7.40
C THR A 74 3.29 -5.19 8.28
N SER A 75 3.17 -5.40 9.60
CA SER A 75 3.66 -4.41 10.50
C SER A 75 5.13 -4.15 10.19
N ASN A 76 5.59 -2.92 10.31
CA ASN A 76 6.96 -2.63 9.94
C ASN A 76 7.42 -1.33 10.61
N ASN A 77 8.71 -1.07 10.50
CA ASN A 77 9.27 0.21 10.83
C ASN A 77 10.42 0.48 9.88
N GLY A 78 10.93 1.70 9.91
CA GLY A 78 11.94 2.12 8.95
C GLY A 78 12.06 3.62 8.94
N VAL A 79 12.62 4.16 7.84
CA VAL A 79 12.74 5.58 7.63
C VAL A 79 11.93 5.96 6.39
N GLY A 80 11.47 7.20 6.38
CA GLY A 80 10.72 7.74 5.26
C GLY A 80 11.18 9.15 4.95
N TYR A 81 11.20 9.50 3.66
CA TYR A 81 11.63 10.81 3.19
C TYR A 81 10.41 11.73 3.13
N VAL A 82 10.37 12.73 4.00
CA VAL A 82 9.27 13.69 4.04
C VAL A 82 9.85 14.96 3.42
N GLY A 83 9.71 15.04 2.09
CA GLY A 83 10.35 16.04 1.31
C GLY A 83 9.33 16.90 0.57
N PRO A 84 9.83 17.84 -0.25
CA PRO A 84 8.93 18.73 -0.99
C PRO A 84 7.93 17.93 -1.85
N GLY A 85 6.65 18.31 -1.75
CA GLY A 85 5.57 17.69 -2.47
C GLY A 85 5.07 16.41 -1.81
N THR A 86 5.46 16.16 -0.57
CA THR A 86 4.92 15.01 0.18
C THR A 86 3.38 15.02 0.14
N GLN A 87 2.77 13.84 0.01
CA GLN A 87 1.31 13.82 -0.03
C GLN A 87 0.74 13.52 1.36
N PHE A 88 1.58 13.41 2.41
CA PHE A 88 1.12 12.84 3.67
C PHE A 88 1.28 13.88 4.81
N TYR A 89 1.85 15.05 4.54
CA TYR A 89 2.10 16.05 5.59
C TYR A 89 1.93 17.47 5.07
N ASN A 90 1.65 18.44 5.96
CA ASN A 90 1.51 19.84 5.62
C ASN A 90 2.79 20.61 6.02
N GLN A 91 3.86 19.87 6.27
CA GLN A 91 5.18 20.42 6.54
C GLN A 91 6.21 19.38 6.08
N LEU A 92 7.47 19.76 6.11
CA LEU A 92 8.56 18.83 5.87
C LEU A 92 8.96 18.12 7.16
N ALA A 93 9.96 17.26 7.06
CA ALA A 93 10.49 16.57 8.22
C ALA A 93 10.91 17.64 9.23
N PRO A 94 10.75 17.37 10.55
CA PRO A 94 11.24 18.33 11.54
C PRO A 94 12.74 18.61 11.41
N GLU A 95 13.50 17.62 10.94
CA GLU A 95 14.94 17.75 10.80
C GLU A 95 15.39 17.00 9.56
N GLY A 96 16.21 17.63 8.74
CA GLY A 96 16.78 16.85 7.59
C GLY A 96 15.70 16.45 6.59
N ARG A 97 15.93 15.29 5.98
CA ARG A 97 15.06 14.75 4.98
C ARG A 97 14.06 13.75 5.53
N ASN A 98 14.51 12.97 6.54
CA ASN A 98 13.83 11.75 6.90
C ASN A 98 13.18 11.80 8.28
N ILE A 99 12.19 10.94 8.43
CA ILE A 99 11.60 10.56 9.71
C ILE A 99 11.77 9.06 9.89
N GLY A 100 11.56 8.63 11.16
CA GLY A 100 11.43 7.21 11.50
C GLY A 100 9.98 6.88 11.76
N TYR A 101 9.44 5.79 11.18
CA TYR A 101 8.06 5.48 11.31
C TYR A 101 7.90 4.09 11.89
N ILE A 102 6.74 3.87 12.53
CA ILE A 102 6.32 2.55 12.96
C ILE A 102 4.87 2.36 12.56
N TYR A 103 4.60 1.28 11.80
CA TYR A 103 3.24 0.99 11.37
C TYR A 103 2.86 -0.39 11.91
N LEU A 104 1.70 -0.49 12.53
CA LEU A 104 1.23 -1.76 13.07
C LEU A 104 -0.07 -2.15 12.37
N ALA A 105 -0.07 -3.37 11.81
CA ALA A 105 -1.23 -3.90 11.03
C ALA A 105 -2.29 -4.52 11.94
N GLN A 106 -1.90 -4.89 13.17
CA GLN A 106 -2.83 -5.58 14.07
C GLN A 106 -3.90 -4.61 14.57
N LYS A 107 -4.97 -5.15 15.13
CA LYS A 107 -6.08 -4.31 15.55
C LYS A 107 -5.70 -3.55 16.82
N PRO A 108 -6.36 -2.40 17.06
CA PRO A 108 -6.14 -1.63 18.27
C PRO A 108 -6.26 -2.56 19.48
N GLY A 109 -5.38 -2.33 20.45
CA GLY A 109 -5.40 -3.12 21.68
C GLY A 109 -4.47 -4.31 21.65
N SER A 110 -3.82 -4.60 20.51
CA SER A 110 -3.03 -5.83 20.35
C SER A 110 -1.66 -5.75 21.06
N GLY A 111 -1.25 -4.55 21.48
CA GLY A 111 0.08 -4.39 22.06
C GLY A 111 0.72 -3.10 21.60
N VAL A 112 2.04 -3.00 21.75
CA VAL A 112 2.75 -1.81 21.33
C VAL A 112 4.04 -2.26 20.63
N ALA A 113 4.66 -1.33 19.93
CA ALA A 113 5.97 -1.57 19.35
C ALA A 113 6.61 -0.24 18.98
N GLY A 114 7.92 -0.24 18.74
CA GLY A 114 8.52 0.99 18.31
C GLY A 114 10.00 0.85 18.10
N PHE A 115 10.72 1.91 18.43
CA PHE A 115 12.16 1.96 18.36
C PHE A 115 12.77 1.99 19.77
N GLU A 116 13.94 1.42 19.93
CA GLU A 116 14.72 1.53 21.18
C GLU A 116 16.17 1.81 20.81
N GLN A 117 16.86 2.64 21.58
CA GLN A 117 18.29 2.75 21.47
C GLN A 117 18.90 2.88 22.88
N ILE A 118 19.81 1.98 23.20
CA ILE A 118 20.59 2.08 24.44
C ILE A 118 21.83 2.93 24.16
N LEU A 119 22.08 3.90 25.05
CA LEU A 119 23.16 4.85 24.88
C LEU A 119 24.41 4.41 25.64
N ASP A 120 25.57 4.97 25.25
CA ASP A 120 26.82 4.81 25.99
C ASP A 120 26.77 5.56 27.33
N ALA A 121 26.13 6.73 27.33
CA ALA A 121 25.98 7.56 28.54
C ALA A 121 25.29 6.76 29.66
N THR A 122 25.64 7.09 30.91
CA THR A 122 25.05 6.46 32.09
C THR A 122 24.35 7.51 32.93
N LEU A 123 23.43 7.07 33.81
CA LEU A 123 22.68 7.96 34.70
C LEU A 123 23.64 8.50 35.76
N GLU A 124 23.73 9.83 35.85
CA GLU A 124 24.61 10.50 36.79
C GLU A 124 23.78 11.19 37.87
N PRO A 125 24.36 11.42 39.07
CA PRO A 125 23.58 12.02 40.16
C PRO A 125 23.33 13.52 39.96
N ASP A 126 22.29 14.03 40.62
CA ASP A 126 21.99 15.44 40.67
C ASP A 126 22.07 16.05 39.26
N THR A 127 21.33 15.43 38.34
CA THR A 127 21.37 15.84 36.93
C THR A 127 19.94 15.93 36.40
N ASN A 128 19.61 17.02 35.68
CA ASN A 128 18.33 17.13 34.98
C ASN A 128 18.49 16.69 33.52
N TYR A 129 17.77 15.64 33.18
CA TYR A 129 17.74 15.12 31.80
C TYR A 129 16.50 15.63 31.07
N THR A 130 16.69 16.07 29.82
CA THR A 130 15.59 16.52 29.02
C THR A 130 15.66 15.82 27.64
N LEU A 131 14.64 15.02 27.38
CA LEU A 131 14.51 14.26 26.13
C LEU A 131 13.41 14.91 25.29
N LYS A 132 13.77 15.27 24.05
CA LYS A 132 12.81 15.86 23.13
C LYS A 132 12.77 15.03 21.85
N VAL A 133 11.56 14.82 21.36
CA VAL A 133 11.36 14.03 20.12
C VAL A 133 10.17 14.65 19.43
N ASP A 134 10.25 14.80 18.11
CA ASP A 134 9.09 15.24 17.37
C ASP A 134 8.27 14.02 16.96
N VAL A 135 6.96 14.14 17.05
CA VAL A 135 6.00 13.07 16.80
C VAL A 135 5.05 13.55 15.71
N GLY A 136 4.86 12.71 14.69
CA GLY A 136 4.04 13.13 13.54
C GLY A 136 2.85 12.23 13.30
N ASN A 137 1.78 12.85 12.82
CA ASN A 137 0.51 12.24 12.51
C ASN A 137 0.34 12.36 10.98
N LEU A 138 0.30 11.23 10.29
CA LEU A 138 0.20 11.26 8.83
C LEU A 138 -1.20 11.69 8.40
N ALA A 139 -1.30 12.31 7.23
CA ALA A 139 -2.58 12.75 6.71
C ALA A 139 -2.76 12.16 5.31
N GLY A 140 -4.01 12.14 4.88
CA GLY A 140 -4.33 11.92 3.49
C GLY A 140 -4.83 10.52 3.18
N THR A 141 -4.90 10.22 1.87
CA THR A 141 -5.41 8.95 1.39
C THR A 141 -4.56 8.52 0.18
N PHE A 142 -4.68 7.24 -0.16
CA PHE A 142 -4.08 6.78 -1.40
C PHE A 142 -4.87 5.59 -1.93
N LYS A 143 -5.56 5.75 -3.06
CA LYS A 143 -6.33 4.68 -3.72
C LYS A 143 -7.07 3.80 -2.71
N GLY A 144 -7.83 4.42 -1.81
CA GLY A 144 -8.61 3.59 -0.89
C GLY A 144 -7.94 3.42 0.48
N LEU A 145 -6.61 3.52 0.57
CA LEU A 145 -5.91 3.59 1.89
C LEU A 145 -6.23 4.93 2.54
N SER A 146 -6.53 4.92 3.84
CA SER A 146 -6.77 6.14 4.56
C SER A 146 -5.72 6.28 5.67
N PHE A 147 -5.15 7.48 5.81
CA PHE A 147 -4.18 7.76 6.89
C PHE A 147 -4.83 8.60 7.99
N ALA A 148 -6.14 8.78 7.92
CA ALA A 148 -6.87 9.50 8.97
C ALA A 148 -6.79 8.74 10.28
N GLY A 149 -6.53 9.49 11.36
CA GLY A 149 -6.40 8.85 12.67
C GLY A 149 -4.96 8.69 13.10
N PHE A 150 -4.78 8.25 14.34
CA PHE A 150 -3.48 8.29 14.99
C PHE A 150 -3.52 7.25 16.11
N PRO A 151 -2.46 6.45 16.32
CA PRO A 151 -2.54 5.32 17.26
C PRO A 151 -2.17 5.67 18.70
N GLY A 152 -1.71 6.90 18.90
CA GLY A 152 -1.15 7.27 20.22
C GLY A 152 0.34 7.04 20.25
N TYR A 153 1.08 7.84 21.06
CA TYR A 153 2.52 7.67 21.16
C TYR A 153 2.94 7.61 22.64
N ARG A 154 4.10 7.04 22.87
CA ARG A 154 4.80 7.22 24.16
C ARG A 154 6.30 7.35 23.89
N VAL A 155 6.92 8.34 24.54
CA VAL A 155 8.32 8.55 24.53
C VAL A 155 8.87 8.26 25.93
N GLU A 156 9.85 7.37 26.02
CA GLU A 156 10.42 6.88 27.29
C GLU A 156 11.90 7.22 27.39
N LEU A 157 12.32 7.64 28.60
CA LEU A 157 13.71 7.73 28.98
C LEU A 157 13.99 6.57 29.92
N LEU A 158 15.00 5.77 29.62
CA LEU A 158 15.34 4.59 30.40
C LEU A 158 16.66 4.80 31.17
N ALA A 159 16.79 4.07 32.27
CA ALA A 159 18.09 3.68 32.80
C ALA A 159 18.05 2.16 33.00
N GLY A 160 18.97 1.44 32.35
CA GLY A 160 18.85 0.00 32.33
C GLY A 160 17.53 -0.42 31.71
N ASP A 161 16.74 -1.21 32.45
CA ASP A 161 15.45 -1.71 31.99
C ASP A 161 14.32 -0.91 32.64
N THR A 162 14.66 0.17 33.35
CA THR A 162 13.64 0.94 34.08
C THR A 162 13.23 2.16 33.27
N VAL A 163 11.92 2.40 33.15
CA VAL A 163 11.44 3.62 32.55
C VAL A 163 11.47 4.73 33.61
N LEU A 164 12.45 5.62 33.52
CA LEU A 164 12.59 6.72 34.48
C LEU A 164 11.43 7.71 34.36
N ALA A 165 11.08 8.07 33.13
CA ALA A 165 10.08 9.07 32.86
C ALA A 165 9.54 8.82 31.45
N ALA A 166 8.30 9.16 31.20
CA ALA A 166 7.69 8.99 29.87
C ALA A 166 6.55 9.96 29.69
N ASP A 167 6.37 10.38 28.42
CA ASP A 167 5.23 11.12 27.99
C ASP A 167 4.34 10.12 27.28
N HIS A 168 3.26 9.68 27.90
CA HIS A 168 2.27 8.82 27.29
C HIS A 168 1.17 9.70 26.68
N ASN A 169 1.37 10.08 25.40
CA ASN A 169 0.31 10.56 24.55
C ASN A 169 -0.34 11.87 25.05
N ASN A 170 0.47 12.78 25.62
CA ASN A 170 -0.15 14.01 26.20
C ASN A 170 -0.39 15.10 25.14
N LEU A 171 0.35 15.08 24.03
CA LEU A 171 0.20 16.13 23.04
C LEU A 171 -0.91 15.75 22.07
N PHE A 172 -1.66 16.75 21.65
CA PHE A 172 -2.59 16.63 20.53
C PHE A 172 -1.80 16.92 19.24
N ILE A 173 -1.81 16.00 18.30
CA ILE A 173 -1.09 16.20 17.06
C ILE A 173 -2.07 16.16 15.90
N LYS A 174 -2.20 17.28 15.22
CA LYS A 174 -3.13 17.44 14.11
C LYS A 174 -2.69 16.54 12.96
N GLU A 175 -3.64 16.16 12.11
CA GLU A 175 -3.36 15.37 10.91
C GLU A 175 -2.39 16.17 10.04
N GLY A 176 -1.29 15.53 9.66
CA GLY A 176 -0.29 16.12 8.76
C GLY A 176 0.72 17.03 9.42
N GLU A 177 0.82 16.99 10.76
CA GLU A 177 1.78 17.83 11.45
C GLU A 177 2.63 17.03 12.43
N PHE A 178 3.70 17.68 12.91
CA PHE A 178 4.60 17.17 13.96
C PHE A 178 4.53 18.13 15.13
N LYS A 179 4.68 17.57 16.32
CA LYS A 179 4.79 18.37 17.54
C LYS A 179 5.93 17.77 18.37
N THR A 180 6.57 18.60 19.19
CA THR A 180 7.67 18.15 20.03
C THR A 180 7.15 17.67 21.40
N SER A 181 7.48 16.42 21.74
CA SER A 181 7.28 15.81 23.05
C SER A 181 8.52 16.09 23.88
N THR A 182 8.30 16.44 25.15
CA THR A 182 9.41 16.65 26.10
C THR A 182 9.21 15.74 27.33
N VAL A 183 10.23 14.98 27.64
CA VAL A 183 10.29 14.08 28.77
C VAL A 183 11.42 14.54 29.66
N THR A 184 11.15 14.63 30.98
CA THR A 184 12.18 15.10 31.88
C THR A 184 12.35 14.14 33.06
N TYR A 185 13.59 14.02 33.54
CA TYR A 185 13.85 13.27 34.73
C TYR A 185 15.00 13.94 35.47
N THR A 186 14.87 14.01 36.81
CA THR A 186 15.94 14.59 37.64
C THR A 186 16.39 13.52 38.62
N SER A 187 17.68 13.23 38.60
CA SER A 187 18.25 12.14 39.43
C SER A 187 18.68 12.76 40.75
N THR A 188 18.68 11.91 41.78
CA THR A 188 19.21 12.29 43.09
C THR A 188 20.58 11.67 43.33
N ALA A 189 21.21 12.04 44.46
CA ALA A 189 22.54 11.54 44.79
C ALA A 189 22.51 10.03 45.05
N LYS A 190 21.37 9.43 45.41
CA LYS A 190 21.38 8.00 45.78
C LYS A 190 20.44 7.19 44.88
N ASP A 191 20.14 7.73 43.71
CA ASP A 191 19.25 7.04 42.78
C ASP A 191 19.70 5.58 42.62
N LEU A 192 18.73 4.66 42.69
CA LEU A 192 18.97 3.24 42.57
C LEU A 192 19.68 2.91 41.26
N HIS A 193 19.34 3.65 40.20
CA HIS A 193 19.82 3.30 38.88
C HIS A 193 21.09 4.06 38.46
N LEU A 194 21.70 4.83 39.37
CA LEU A 194 22.91 5.56 38.99
C LEU A 194 23.88 4.59 38.33
N GLY A 195 24.55 5.06 37.27
CA GLY A 195 25.59 4.30 36.66
C GLY A 195 25.07 3.33 35.61
N GLN A 196 23.75 3.15 35.50
CA GLN A 196 23.20 2.30 34.43
C GLN A 196 23.08 3.10 33.13
N LYS A 197 23.13 2.36 32.01
CA LYS A 197 23.09 2.97 30.68
C LYS A 197 21.73 3.61 30.41
N LEU A 198 21.76 4.85 29.92
CA LEU A 198 20.55 5.54 29.52
C LEU A 198 20.02 4.87 28.25
N GLY A 199 18.71 5.01 28.04
CA GLY A 199 18.08 4.46 26.85
C GLY A 199 16.89 5.30 26.46
N ILE A 200 16.45 5.15 25.21
CA ILE A 200 15.30 5.88 24.70
C ILE A 200 14.39 4.86 24.02
N ARG A 201 13.09 4.99 24.22
CA ARG A 201 12.11 4.24 23.42
C ARG A 201 11.10 5.22 22.84
N LEU A 202 10.73 4.92 21.59
CA LEU A 202 9.72 5.68 20.87
C LEU A 202 8.64 4.66 20.48
N VAL A 203 7.43 4.83 21.01
CA VAL A 203 6.47 3.74 21.02
C VAL A 203 5.17 4.15 20.30
N ASN A 204 4.72 3.25 19.40
CA ASN A 204 3.38 3.26 18.82
C ASN A 204 2.45 2.51 19.76
N LEU A 205 1.46 3.20 20.32
CA LEU A 205 0.58 2.64 21.34
C LEU A 205 -0.52 1.74 20.78
N LEU A 206 -0.74 1.77 19.46
CA LEU A 206 -1.80 0.99 18.80
C LEU A 206 -3.13 1.10 19.57
N GLN A 207 -3.57 2.34 19.84
CA GLN A 207 -4.82 2.59 20.55
C GLN A 207 -5.96 2.94 19.58
N ASP A 208 -5.64 3.19 18.30
CA ASP A 208 -6.63 3.52 17.32
C ASP A 208 -5.98 3.33 15.96
N LYS A 209 -6.75 3.61 14.92
CA LYS A 209 -6.34 3.54 13.53
C LYS A 209 -6.61 4.92 12.92
N PHE A 210 -5.89 5.31 11.86
CA PHE A 210 -4.72 4.71 11.23
C PHE A 210 -3.60 4.46 12.25
N SER A 211 -2.95 3.30 12.14
CA SER A 211 -2.07 2.75 13.21
C SER A 211 -0.59 2.94 12.87
N GLY A 212 -0.23 4.03 12.19
CA GLY A 212 1.14 4.38 11.94
C GLY A 212 1.43 5.75 12.58
N LEU A 213 2.69 6.00 12.87
CA LEU A 213 3.13 7.33 13.30
C LEU A 213 4.62 7.49 13.04
N ASP A 214 5.06 8.75 13.11
CA ASP A 214 6.42 9.09 12.80
C ASP A 214 7.12 9.76 14.00
N PHE A 215 8.44 9.63 14.03
CA PHE A 215 9.30 10.34 14.98
C PHE A 215 10.46 11.01 14.29
N ASP A 216 11.01 12.08 14.87
CA ASP A 216 12.20 12.67 14.32
C ASP A 216 12.91 13.54 15.36
N ASN A 217 14.18 13.81 15.09
CA ASN A 217 14.98 14.81 15.78
C ASN A 217 15.04 14.49 17.27
N VAL A 218 15.53 13.30 17.58
CA VAL A 218 15.65 12.87 18.98
C VAL A 218 16.84 13.64 19.57
N ARG A 219 16.62 14.26 20.76
CA ARG A 219 17.66 15.06 21.39
C ARG A 219 17.60 14.83 22.91
N LEU A 220 18.77 14.62 23.51
CA LEU A 220 18.78 14.38 24.97
C LEU A 220 19.86 15.28 25.55
N THR A 221 19.53 16.06 26.60
CA THR A 221 20.53 16.92 27.23
C THR A 221 20.58 16.58 28.72
N ALA A 222 21.73 16.88 29.32
CA ALA A 222 21.91 16.67 30.73
C ALA A 222 22.48 17.97 31.33
N GLU A 223 21.91 18.41 32.46
CA GLU A 223 22.38 19.64 33.14
C GLU A 223 22.52 19.32 34.63
N PRO A 224 23.66 19.64 35.26
CA PRO A 224 23.75 19.51 36.72
C PRO A 224 22.69 20.38 37.39
N THR A 225 22.07 19.88 38.45
CA THR A 225 21.03 20.61 39.20
C THR A 225 21.70 21.51 40.23
N SER B 27 11.09 -32.36 -33.47
CA SER B 27 11.78 -31.30 -34.26
C SER B 27 11.61 -29.90 -33.63
N VAL B 28 10.70 -29.79 -32.65
CA VAL B 28 10.45 -28.55 -31.96
C VAL B 28 11.69 -28.22 -31.14
N VAL B 29 12.19 -26.99 -31.25
CA VAL B 29 13.27 -26.55 -30.37
C VAL B 29 12.74 -25.42 -29.50
N SER B 30 13.33 -25.34 -28.31
CA SER B 30 13.09 -24.24 -27.38
C SER B 30 14.08 -23.11 -27.70
N ILE B 31 13.56 -21.90 -27.80
CA ILE B 31 14.39 -20.73 -27.99
C ILE B 31 14.73 -20.18 -26.61
N PRO B 32 16.02 -19.99 -26.30
CA PRO B 32 16.44 -19.52 -24.97
C PRO B 32 15.90 -18.12 -24.66
N ILE B 33 15.37 -17.98 -23.44
CA ILE B 33 14.88 -16.73 -22.91
C ILE B 33 15.52 -16.54 -21.52
N ASN B 34 16.10 -15.38 -21.25
CA ASN B 34 16.70 -15.12 -19.94
C ASN B 34 15.61 -14.85 -18.89
N ASN B 35 15.75 -15.51 -17.74
CA ASN B 35 14.87 -15.29 -16.58
C ASN B 35 13.41 -15.45 -17.00
N ALA B 36 13.14 -16.55 -17.71
CA ALA B 36 11.88 -16.68 -18.40
C ALA B 36 10.71 -16.90 -17.44
N GLY B 37 11.03 -17.32 -16.21
CA GLY B 37 10.00 -17.59 -15.23
C GLY B 37 10.10 -16.61 -14.05
N PHE B 38 10.92 -15.57 -14.24
CA PHE B 38 11.10 -14.50 -13.22
C PHE B 38 11.57 -15.11 -11.89
N GLU B 39 12.36 -16.18 -11.94
CA GLU B 39 12.85 -16.84 -10.73
C GLU B 39 14.05 -16.11 -10.12
N ASP B 40 14.66 -15.17 -10.86
CA ASP B 40 15.73 -14.29 -10.36
C ASP B 40 15.17 -12.90 -10.18
N PRO B 41 15.35 -12.28 -9.02
CA PRO B 41 15.99 -12.80 -7.83
C PRO B 41 15.11 -13.74 -6.99
N PHE B 42 15.81 -14.56 -6.20
CA PHE B 42 15.16 -15.38 -5.20
C PHE B 42 14.54 -14.45 -4.15
N ILE B 43 13.31 -14.76 -3.72
CA ILE B 43 12.57 -13.99 -2.71
C ILE B 43 12.17 -14.96 -1.60
N GLU B 44 12.51 -14.58 -0.35
CA GLU B 44 12.36 -15.46 0.79
C GLU B 44 10.91 -15.46 1.31
N VAL B 45 10.28 -14.28 1.42
CA VAL B 45 9.01 -14.11 2.10
C VAL B 45 7.84 -14.08 1.12
N VAL B 46 6.78 -14.87 1.41
CA VAL B 46 5.60 -14.91 0.52
C VAL B 46 4.98 -13.51 0.45
N ASP B 47 4.64 -13.08 -0.77
CA ASP B 47 3.99 -11.82 -1.07
C ASP B 47 4.97 -10.64 -1.00
N ASP B 48 6.25 -10.90 -0.75
CA ASP B 48 7.27 -9.90 -0.93
C ASP B 48 7.57 -9.78 -2.42
N TYR B 49 8.13 -8.64 -2.81
CA TYR B 49 8.34 -8.33 -4.24
C TYR B 49 9.40 -7.25 -4.37
N THR B 50 10.01 -7.21 -5.56
CA THR B 50 10.97 -6.21 -5.89
C THR B 50 10.27 -5.09 -6.67
N VAL B 51 10.92 -3.92 -6.69
CA VAL B 51 10.37 -2.75 -7.40
C VAL B 51 11.34 -2.31 -8.49
N ASP B 52 12.19 -3.22 -8.96
CA ASP B 52 13.11 -2.96 -10.07
C ASP B 52 12.85 -3.94 -11.20
N THR B 53 13.09 -3.46 -12.44
CA THR B 53 12.90 -4.33 -13.60
C THR B 53 13.50 -5.70 -13.37
N PRO B 54 12.81 -6.82 -13.66
CA PRO B 54 13.40 -8.14 -13.51
C PRO B 54 14.69 -8.31 -14.29
N PRO B 55 15.71 -8.96 -13.72
CA PRO B 55 16.94 -9.27 -14.45
C PRO B 55 16.64 -9.98 -15.78
N GLY B 56 17.36 -9.59 -16.83
CA GLY B 56 17.22 -10.21 -18.15
C GLY B 56 16.14 -9.56 -19.01
N TRP B 57 15.32 -8.73 -18.40
CA TRP B 57 14.23 -8.01 -19.05
C TRP B 57 14.49 -6.51 -19.02
N THR B 58 13.81 -5.77 -19.91
CA THR B 58 13.80 -4.33 -19.85
C THR B 58 12.35 -3.90 -19.62
N THR B 59 12.18 -2.65 -19.17
CA THR B 59 10.86 -2.11 -19.01
C THR B 59 10.43 -1.52 -20.34
N TYR B 60 9.35 -2.06 -20.90
CA TYR B 60 8.71 -1.49 -22.07
C TYR B 60 7.90 -0.28 -21.60
N ASN B 61 8.26 0.91 -22.08
CA ASN B 61 7.80 2.13 -21.51
C ASN B 61 7.48 3.18 -22.57
N PRO B 62 6.56 2.88 -23.51
CA PRO B 62 6.35 3.79 -24.65
C PRO B 62 5.68 5.11 -24.29
N ASN B 63 5.05 5.16 -23.11
CA ASN B 63 4.33 6.35 -22.69
C ASN B 63 4.99 6.93 -21.43
N ASN B 64 6.20 6.46 -21.09
CA ASN B 64 6.98 6.98 -19.95
C ASN B 64 6.19 6.88 -18.65
N LEU B 65 5.31 5.89 -18.51
CA LEU B 65 4.46 5.78 -17.30
C LEU B 65 5.24 5.27 -16.08
N VAL B 66 6.26 4.44 -16.29
CA VAL B 66 7.04 3.85 -15.23
C VAL B 66 8.29 4.68 -14.98
N PRO B 67 8.49 5.23 -13.77
CA PRO B 67 9.66 6.04 -13.50
C PRO B 67 10.92 5.17 -13.29
N GLU B 68 12.08 5.80 -13.40
CA GLU B 68 13.35 5.09 -13.19
C GLU B 68 13.44 4.63 -11.73
N LYS B 69 13.03 5.49 -10.81
CA LYS B 69 13.06 5.14 -9.40
C LYS B 69 11.62 4.95 -8.92
N ARG B 70 11.30 3.74 -8.49
CA ARG B 70 9.95 3.38 -8.19
C ARG B 70 9.74 3.34 -6.68
N THR B 71 8.49 3.54 -6.28
CA THR B 71 8.07 3.44 -4.87
C THR B 71 6.68 2.81 -4.76
N THR B 72 6.15 2.62 -3.55
CA THR B 72 4.81 2.05 -3.51
C THR B 72 3.78 3.03 -4.03
N TRP B 73 4.15 4.30 -4.16
CA TRP B 73 3.19 5.30 -4.56
C TRP B 73 3.26 5.58 -6.06
N THR B 74 4.18 4.90 -6.75
CA THR B 74 4.33 5.11 -8.21
C THR B 74 3.96 3.84 -8.97
N SER B 75 3.95 4.01 -10.29
CA SER B 75 3.92 2.84 -11.13
C SER B 75 5.19 2.02 -10.86
N ASN B 76 5.13 0.70 -11.07
CA ASN B 76 6.31 -0.12 -10.84
C ASN B 76 6.16 -1.47 -11.54
N ASN B 77 7.27 -2.20 -11.55
CA ASN B 77 7.31 -3.56 -12.04
C ASN B 77 8.44 -4.26 -11.31
N GLY B 78 8.46 -5.58 -11.38
CA GLY B 78 9.41 -6.35 -10.62
C GLY B 78 9.03 -7.81 -10.58
N VAL B 79 9.52 -8.51 -9.55
CA VAL B 79 9.25 -9.91 -9.35
C VAL B 79 8.55 -10.08 -8.01
N GLY B 80 7.64 -11.05 -7.93
CA GLY B 80 6.95 -11.32 -6.67
C GLY B 80 6.90 -12.81 -6.39
N TYR B 81 6.92 -13.18 -5.11
CA TYR B 81 6.92 -14.56 -4.65
C TYR B 81 5.46 -14.93 -4.38
N VAL B 82 4.95 -15.93 -5.10
CA VAL B 82 3.61 -16.42 -4.89
C VAL B 82 3.75 -17.83 -4.35
N GLY B 83 3.76 -17.92 -3.02
CA GLY B 83 3.99 -19.17 -2.37
C GLY B 83 2.88 -19.50 -1.40
N PRO B 84 3.02 -20.60 -0.63
CA PRO B 84 1.99 -21.03 0.31
C PRO B 84 1.71 -19.95 1.38
N GLY B 85 0.43 -19.62 1.50
CA GLY B 85 -0.03 -18.60 2.40
C GLY B 85 -0.23 -17.25 1.75
N THR B 86 -0.06 -17.18 0.42
CA THR B 86 -0.26 -15.91 -0.27
C THR B 86 -1.68 -15.40 0.00
N GLN B 87 -1.78 -14.07 0.08
CA GLN B 87 -3.06 -13.44 0.34
C GLN B 87 -3.72 -12.93 -0.95
N PHE B 88 -3.05 -13.06 -2.10
CA PHE B 88 -3.49 -12.32 -3.26
C PHE B 88 -3.83 -13.26 -4.43
N TYR B 89 -3.70 -14.58 -4.23
CA TYR B 89 -3.99 -15.54 -5.32
C TYR B 89 -4.71 -16.78 -4.76
N ASN B 90 -5.41 -17.51 -5.65
CA ASN B 90 -6.13 -18.75 -5.32
C ASN B 90 -5.34 -19.96 -5.85
N GLN B 91 -4.10 -19.72 -6.24
CA GLN B 91 -3.19 -20.77 -6.68
C GLN B 91 -1.76 -20.31 -6.44
N LEU B 92 -0.80 -21.25 -6.54
CA LEU B 92 0.61 -20.86 -6.52
C LEU B 92 1.03 -20.37 -7.91
N ALA B 93 2.26 -19.87 -8.00
CA ALA B 93 2.80 -19.38 -9.26
C ALA B 93 2.64 -20.48 -10.30
N PRO B 94 2.41 -20.12 -11.58
CA PRO B 94 2.39 -21.14 -12.63
C PRO B 94 3.66 -21.98 -12.74
N GLU B 95 4.79 -21.39 -12.37
CA GLU B 95 6.10 -22.03 -12.50
C GLU B 95 7.01 -21.51 -11.39
N GLY B 96 7.68 -22.44 -10.72
CA GLY B 96 8.58 -22.10 -9.62
C GLY B 96 7.89 -21.25 -8.57
N ARG B 97 8.65 -20.29 -8.03
CA ARG B 97 8.25 -19.48 -6.88
C ARG B 97 7.62 -18.15 -7.28
N ASN B 98 8.11 -17.56 -8.38
CA ASN B 98 7.92 -16.14 -8.61
C ASN B 98 7.13 -15.88 -9.90
N ILE B 99 6.52 -14.71 -9.93
CA ILE B 99 5.91 -14.13 -11.08
C ILE B 99 6.54 -12.76 -11.33
N GLY B 100 6.32 -12.24 -12.55
CA GLY B 100 6.71 -10.89 -12.87
C GLY B 100 5.46 -10.03 -12.93
N TYR B 101 5.50 -8.84 -12.32
CA TYR B 101 4.28 -8.02 -12.23
C TYR B 101 4.56 -6.64 -12.82
N ILE B 102 3.49 -6.00 -13.27
CA ILE B 102 3.51 -4.59 -13.71
C ILE B 102 2.29 -3.91 -13.13
N TYR B 103 2.51 -2.83 -12.39
CA TYR B 103 1.43 -2.08 -11.78
C TYR B 103 1.53 -0.64 -12.27
N LEU B 104 0.43 -0.09 -12.76
CA LEU B 104 0.40 1.28 -13.28
C LEU B 104 -0.54 2.13 -12.44
N ALA B 105 -0.01 3.23 -11.91
CA ALA B 105 -0.70 4.11 -11.01
C ALA B 105 -1.58 5.14 -11.72
N GLN B 106 -1.30 5.41 -13.00
CA GLN B 106 -1.99 6.42 -13.78
C GLN B 106 -3.42 5.93 -14.05
N LYS B 107 -4.30 6.87 -14.45
CA LYS B 107 -5.67 6.51 -14.73
C LYS B 107 -5.78 5.66 -16.00
N PRO B 108 -6.84 4.84 -16.08
CA PRO B 108 -7.06 4.05 -17.28
C PRO B 108 -7.07 4.95 -18.52
N GLY B 109 -6.43 4.48 -19.60
CA GLY B 109 -6.35 5.26 -20.83
C GLY B 109 -5.08 6.07 -20.97
N SER B 110 -4.19 6.04 -19.95
CA SER B 110 -3.00 6.88 -19.93
C SER B 110 -1.90 6.34 -20.85
N GLY B 111 -2.02 5.07 -21.26
CA GLY B 111 -0.92 4.46 -22.02
C GLY B 111 -0.72 3.01 -21.62
N VAL B 112 0.41 2.43 -21.99
CA VAL B 112 0.70 1.05 -21.67
C VAL B 112 2.14 0.95 -21.18
N ALA B 113 2.46 -0.16 -20.51
CA ALA B 113 3.85 -0.43 -20.12
C ALA B 113 3.97 -1.93 -19.83
N GLY B 114 5.18 -2.43 -19.84
CA GLY B 114 5.38 -3.81 -19.44
C GLY B 114 6.82 -4.22 -19.49
N PHE B 115 7.06 -5.46 -19.91
CA PHE B 115 8.40 -6.03 -20.03
C PHE B 115 8.71 -6.30 -21.52
N GLU B 116 9.97 -6.15 -21.87
CA GLU B 116 10.43 -6.53 -23.19
C GLU B 116 11.72 -7.35 -23.03
N GLN B 117 11.95 -8.34 -23.92
CA GLN B 117 13.24 -8.96 -24.01
C GLN B 117 13.54 -9.28 -25.47
N ILE B 118 14.70 -8.83 -25.94
CA ILE B 118 15.18 -9.14 -27.30
C ILE B 118 16.08 -10.37 -27.18
N LEU B 119 15.81 -11.37 -28.03
CA LEU B 119 16.45 -12.65 -27.94
C LEU B 119 17.63 -12.72 -28.91
N ASP B 120 18.53 -13.68 -28.70
CA ASP B 120 19.66 -13.94 -29.58
C ASP B 120 19.18 -14.58 -30.89
N ALA B 121 18.08 -15.33 -30.85
CA ALA B 121 17.57 -16.02 -32.02
C ALA B 121 17.03 -15.00 -33.02
N THR B 122 17.10 -15.36 -34.31
CA THR B 122 16.57 -14.53 -35.41
C THR B 122 15.44 -15.26 -36.12
N LEU B 123 14.58 -14.50 -36.81
CA LEU B 123 13.46 -15.07 -37.56
C LEU B 123 14.03 -15.89 -38.72
N GLU B 124 13.55 -17.15 -38.79
CA GLU B 124 13.96 -18.09 -39.81
C GLU B 124 12.79 -18.37 -40.73
N PRO B 125 13.07 -18.70 -42.01
CA PRO B 125 11.99 -19.00 -42.96
C PRO B 125 11.33 -20.36 -42.64
N ASP B 126 10.06 -20.48 -43.06
CA ASP B 126 9.34 -21.74 -43.10
C ASP B 126 9.37 -22.35 -41.70
N THR B 127 9.12 -21.49 -40.72
CA THR B 127 9.20 -21.93 -39.32
C THR B 127 7.91 -21.55 -38.59
N ASN B 128 7.40 -22.46 -37.78
CA ASN B 128 6.21 -22.24 -36.92
C ASN B 128 6.71 -21.83 -35.54
N TYR B 129 6.38 -20.61 -35.11
CA TYR B 129 6.76 -20.14 -33.76
C TYR B 129 5.53 -20.18 -32.85
N THR B 130 5.76 -20.59 -31.59
CA THR B 130 4.70 -20.65 -30.60
C THR B 130 5.21 -20.04 -29.28
N LEU B 131 4.57 -18.95 -28.89
CA LEU B 131 4.90 -18.22 -27.66
C LEU B 131 3.79 -18.45 -26.65
N LYS B 132 4.16 -18.99 -25.47
CA LYS B 132 3.20 -19.18 -24.42
C LYS B 132 3.63 -18.41 -23.17
N VAL B 133 2.67 -17.73 -22.55
CA VAL B 133 2.94 -16.96 -21.33
C VAL B 133 1.72 -17.09 -20.42
N ASP B 134 1.93 -17.33 -19.13
CA ASP B 134 0.79 -17.30 -18.22
C ASP B 134 0.55 -15.87 -17.72
N VAL B 135 -0.72 -15.50 -17.63
CA VAL B 135 -1.14 -14.13 -17.25
C VAL B 135 -1.99 -14.26 -16.00
N GLY B 136 -1.71 -13.43 -14.99
CA GLY B 136 -2.47 -13.55 -13.73
C GLY B 136 -3.17 -12.26 -13.31
N ASN B 137 -4.29 -12.46 -12.63
CA ASN B 137 -5.14 -11.43 -12.12
C ASN B 137 -5.09 -11.49 -10.59
N LEU B 138 -4.56 -10.45 -9.95
CA LEU B 138 -4.50 -10.41 -8.47
C LEU B 138 -5.89 -10.36 -7.86
N ALA B 139 -6.02 -10.94 -6.67
CA ALA B 139 -7.26 -10.87 -5.97
C ALA B 139 -7.05 -10.28 -4.57
N GLY B 140 -8.14 -9.86 -3.96
CA GLY B 140 -8.16 -9.55 -2.53
C GLY B 140 -8.16 -8.07 -2.23
N THR B 141 -7.87 -7.76 -0.96
CA THR B 141 -7.87 -6.41 -0.46
C THR B 141 -6.74 -6.26 0.56
N PHE B 142 -6.36 -5.01 0.81
CA PHE B 142 -5.42 -4.69 1.88
C PHE B 142 -5.77 -3.31 2.43
N LYS B 143 -6.31 -3.26 3.66
CA LYS B 143 -6.51 -2.00 4.39
C LYS B 143 -7.26 -0.94 3.56
N GLY B 144 -8.25 -1.35 2.78
CA GLY B 144 -8.98 -0.35 1.97
C GLY B 144 -8.57 -0.36 0.50
N LEU B 145 -7.35 -0.83 0.22
CA LEU B 145 -6.91 -1.04 -1.15
C LEU B 145 -7.67 -2.24 -1.72
N SER B 146 -8.19 -2.14 -2.94
CA SER B 146 -8.84 -3.33 -3.53
C SER B 146 -8.06 -3.79 -4.77
N PHE B 147 -7.80 -5.09 -4.89
CA PHE B 147 -7.18 -5.63 -6.07
C PHE B 147 -8.23 -6.17 -7.06
N ALA B 148 -9.50 -5.88 -6.83
CA ALA B 148 -10.56 -6.31 -7.72
C ALA B 148 -10.34 -5.62 -9.07
N GLY B 149 -10.54 -6.41 -10.12
CA GLY B 149 -10.43 -5.86 -11.48
C GLY B 149 -9.09 -6.15 -12.10
N PHE B 150 -8.96 -5.79 -13.39
CA PHE B 150 -7.84 -6.23 -14.21
C PHE B 150 -7.66 -5.23 -15.34
N PRO B 151 -6.42 -4.85 -15.72
CA PRO B 151 -6.22 -3.76 -16.67
C PRO B 151 -6.26 -4.20 -18.14
N GLY B 152 -6.28 -5.50 -18.33
CA GLY B 152 -6.08 -6.05 -19.71
C GLY B 152 -4.63 -6.35 -20.00
N TYR B 153 -4.36 -7.35 -20.87
CA TYR B 153 -3.00 -7.71 -21.19
C TYR B 153 -2.81 -7.78 -22.71
N ARG B 154 -1.56 -7.68 -23.12
CA ARG B 154 -1.21 -8.09 -24.51
C ARG B 154 0.14 -8.78 -24.48
N VAL B 155 0.24 -9.91 -25.19
CA VAL B 155 1.45 -10.65 -25.35
C VAL B 155 1.87 -10.54 -26.82
N GLU B 156 3.09 -10.09 -27.05
CA GLU B 156 3.61 -9.78 -28.41
C GLU B 156 4.83 -10.64 -28.73
N LEU B 157 4.86 -11.20 -29.96
CA LEU B 157 6.07 -11.76 -30.55
C LEU B 157 6.59 -10.76 -31.59
N LEU B 158 7.85 -10.40 -31.48
CA LEU B 158 8.49 -9.39 -32.35
C LEU B 158 9.52 -10.06 -33.25
N ALA B 159 9.78 -9.39 -34.39
CA ALA B 159 11.03 -9.49 -35.11
C ALA B 159 11.51 -8.06 -35.36
N GLY B 160 12.72 -7.73 -34.92
CA GLY B 160 13.14 -6.34 -34.89
C GLY B 160 12.13 -5.53 -34.10
N ASP B 161 11.62 -4.43 -34.68
CA ASP B 161 10.61 -3.67 -33.94
C ASP B 161 9.22 -3.90 -34.54
N THR B 162 9.03 -4.98 -35.27
CA THR B 162 7.72 -5.30 -35.79
C THR B 162 7.03 -6.33 -34.89
N VAL B 163 5.77 -6.08 -34.56
CA VAL B 163 4.97 -7.05 -33.87
C VAL B 163 4.41 -8.03 -34.91
N LEU B 164 4.98 -9.24 -34.94
CA LEU B 164 4.56 -10.27 -35.93
C LEU B 164 3.15 -10.77 -35.60
N ALA B 165 2.89 -11.01 -34.29
CA ALA B 165 1.63 -11.57 -33.82
C ALA B 165 1.44 -11.18 -32.36
N ALA B 166 0.20 -11.00 -31.95
CA ALA B 166 -0.07 -10.66 -30.53
C ALA B 166 -1.46 -11.09 -30.14
N ASP B 167 -1.58 -11.49 -28.88
CA ASP B 167 -2.85 -11.74 -28.25
C ASP B 167 -3.17 -10.52 -27.40
N HIS B 168 -4.09 -9.69 -27.89
CA HIS B 168 -4.59 -8.54 -27.14
C HIS B 168 -5.83 -8.97 -26.35
N ASN B 169 -5.61 -9.39 -25.10
CA ASN B 169 -6.66 -9.48 -24.09
C ASN B 169 -7.80 -10.45 -24.46
N ASN B 170 -7.49 -11.57 -25.15
CA ASN B 170 -8.57 -12.47 -25.57
C ASN B 170 -9.03 -13.43 -24.48
N LEU B 171 -8.20 -13.71 -23.49
CA LEU B 171 -8.57 -14.67 -22.46
C LEU B 171 -9.19 -13.96 -21.26
N PHE B 172 -10.23 -14.58 -20.70
CA PHE B 172 -10.80 -14.11 -19.43
C PHE B 172 -10.00 -14.71 -18.27
N ILE B 173 -9.48 -13.86 -17.40
CA ILE B 173 -8.68 -14.34 -16.28
C ILE B 173 -9.41 -14.01 -14.98
N LYS B 174 -9.84 -15.06 -14.31
CA LYS B 174 -10.57 -14.90 -13.03
C LYS B 174 -9.66 -14.27 -11.98
N GLU B 175 -10.30 -13.62 -11.00
CA GLU B 175 -9.56 -13.02 -9.88
C GLU B 175 -8.76 -14.10 -9.16
N GLY B 176 -7.47 -13.83 -8.95
CA GLY B 176 -6.64 -14.76 -8.17
C GLY B 176 -6.20 -15.99 -8.95
N GLU B 177 -6.32 -15.96 -10.29
CA GLU B 177 -5.91 -17.10 -11.09
C GLU B 177 -5.00 -16.66 -12.24
N PHE B 178 -4.41 -17.67 -12.87
CA PHE B 178 -3.56 -17.51 -14.05
C PHE B 178 -4.16 -18.34 -15.19
N LYS B 179 -3.95 -17.85 -16.41
CA LYS B 179 -4.31 -18.60 -17.62
C LYS B 179 -3.19 -18.44 -18.65
N THR B 180 -3.01 -19.44 -19.49
CA THR B 180 -1.95 -19.40 -20.50
C THR B 180 -2.46 -18.73 -21.78
N SER B 181 -1.73 -17.72 -22.23
CA SER B 181 -1.91 -17.05 -23.52
C SER B 181 -0.99 -17.72 -24.54
N THR B 182 -1.53 -17.98 -25.74
CA THR B 182 -0.70 -18.53 -26.83
C THR B 182 -0.73 -17.60 -28.03
N VAL B 183 0.46 -17.28 -28.51
CA VAL B 183 0.65 -16.50 -29.73
C VAL B 183 1.41 -17.35 -30.75
N THR B 184 0.88 -17.35 -31.99
CA THR B 184 1.45 -18.14 -33.08
C THR B 184 1.82 -17.26 -34.26
N TYR B 185 2.94 -17.64 -34.90
CA TYR B 185 3.34 -17.01 -36.15
C TYR B 185 4.04 -18.07 -37.01
N THR B 186 3.65 -18.12 -38.29
CA THR B 186 4.36 -18.95 -39.27
C THR B 186 5.05 -18.02 -40.27
N SER B 187 6.37 -18.16 -40.41
CA SER B 187 7.16 -17.39 -41.39
C SER B 187 7.12 -18.11 -42.75
N THR B 188 7.33 -17.33 -43.81
CA THR B 188 7.42 -17.87 -45.16
C THR B 188 8.86 -17.75 -45.64
N ALA B 189 9.14 -18.20 -46.88
CA ALA B 189 10.49 -18.12 -47.39
C ALA B 189 10.87 -16.67 -47.73
N LYS B 190 9.89 -15.78 -47.93
CA LYS B 190 10.24 -14.41 -48.34
C LYS B 190 9.77 -13.34 -47.34
N ASP B 191 9.63 -13.74 -46.07
CA ASP B 191 9.25 -12.77 -45.02
C ASP B 191 10.22 -11.57 -45.01
N LEU B 192 9.67 -10.37 -44.98
CA LEU B 192 10.51 -9.14 -44.96
C LEU B 192 11.47 -9.16 -43.75
N HIS B 193 11.05 -9.77 -42.66
CA HIS B 193 11.77 -9.64 -41.37
C HIS B 193 12.74 -10.79 -41.09
N LEU B 194 12.94 -11.69 -42.06
CA LEU B 194 13.88 -12.78 -41.89
C LEU B 194 15.23 -12.22 -41.44
N GLY B 195 15.85 -12.89 -40.46
CA GLY B 195 17.18 -12.51 -39.98
C GLY B 195 17.15 -11.47 -38.87
N GLN B 196 16.00 -10.85 -38.60
CA GLN B 196 15.90 -9.87 -37.50
C GLN B 196 15.74 -10.62 -36.17
N LYS B 197 16.27 -10.03 -35.09
CA LYS B 197 16.19 -10.63 -33.75
C LYS B 197 14.72 -10.78 -33.33
N LEU B 198 14.38 -11.96 -32.78
CA LEU B 198 13.08 -12.21 -32.18
C LEU B 198 13.03 -11.44 -30.86
N GLY B 199 11.82 -11.10 -30.46
CA GLY B 199 11.62 -10.39 -29.20
C GLY B 199 10.26 -10.75 -28.62
N ILE B 200 10.09 -10.49 -27.32
CA ILE B 200 8.84 -10.72 -26.63
C ILE B 200 8.47 -9.44 -25.86
N ARG B 201 7.20 -9.07 -25.88
CA ARG B 201 6.70 -8.02 -24.96
C ARG B 201 5.49 -8.57 -24.24
N LEU B 202 5.44 -8.21 -22.94
CA LEU B 202 4.35 -8.57 -22.06
C LEU B 202 3.81 -7.24 -21.54
N VAL B 203 2.58 -6.90 -21.89
CA VAL B 203 2.09 -5.54 -21.76
C VAL B 203 0.87 -5.47 -20.83
N ASN B 204 0.92 -4.47 -19.92
CA ASN B 204 -0.22 -4.04 -19.14
C ASN B 204 -0.94 -2.94 -19.92
N LEU B 205 -2.21 -3.20 -20.30
CA LEU B 205 -2.93 -2.32 -21.22
C LEU B 205 -3.52 -1.08 -20.53
N LEU B 206 -3.55 -1.07 -19.18
CA LEU B 206 -4.14 0.02 -18.41
C LEU B 206 -5.51 0.43 -18.97
N GLN B 207 -6.40 -0.57 -19.12
CA GLN B 207 -7.73 -0.30 -19.67
C GLN B 207 -8.78 -0.24 -18.55
N ASP B 208 -8.37 -0.59 -17.31
CA ASP B 208 -9.28 -0.61 -16.19
C ASP B 208 -8.43 -0.72 -14.92
N LYS B 209 -9.11 -0.71 -13.77
CA LYS B 209 -8.45 -0.86 -12.47
C LYS B 209 -9.15 -2.01 -11.74
N PHE B 210 -8.51 -2.73 -10.80
CA PHE B 210 -7.14 -2.59 -10.37
C PHE B 210 -6.19 -2.71 -11.56
N SER B 211 -5.17 -1.86 -11.62
CA SER B 211 -4.32 -1.69 -12.82
C SER B 211 -2.98 -2.42 -12.68
N GLY B 212 -2.95 -3.59 -12.03
CA GLY B 212 -1.79 -4.44 -12.00
C GLY B 212 -2.13 -5.81 -12.60
N LEU B 213 -1.11 -6.48 -13.13
CA LEU B 213 -1.25 -7.89 -13.54
C LEU B 213 0.12 -8.56 -13.48
N ASP B 214 0.10 -9.88 -13.59
CA ASP B 214 1.29 -10.69 -13.50
C ASP B 214 1.47 -11.55 -14.76
N PHE B 215 2.72 -11.93 -15.01
CA PHE B 215 3.09 -12.87 -16.05
C PHE B 215 4.01 -13.94 -15.46
N ASP B 216 4.04 -15.13 -16.07
CA ASP B 216 4.99 -16.16 -15.67
C ASP B 216 5.19 -17.16 -16.81
N ASN B 217 6.28 -17.90 -16.69
CA ASN B 217 6.52 -19.10 -17.46
C ASN B 217 6.50 -18.79 -18.96
N VAL B 218 7.35 -17.87 -19.37
CA VAL B 218 7.43 -17.50 -20.78
C VAL B 218 8.14 -18.62 -21.54
N ARG B 219 7.51 -19.10 -22.63
CA ARG B 219 8.08 -20.20 -23.43
C ARG B 219 7.93 -19.90 -24.91
N LEU B 220 9.02 -20.08 -25.67
CA LEU B 220 8.97 -19.87 -27.09
C LEU B 220 9.58 -21.09 -27.78
N THR B 221 8.80 -21.67 -28.70
CA THR B 221 9.32 -22.78 -29.50
C THR B 221 9.30 -22.42 -30.99
N ALA B 222 10.18 -23.12 -31.73
CA ALA B 222 10.32 -22.99 -33.19
C ALA B 222 10.31 -24.40 -33.77
N GLU B 223 9.52 -24.60 -34.85
CA GLU B 223 9.52 -25.87 -35.58
C GLU B 223 9.56 -25.61 -37.08
N PRO B 224 10.46 -26.27 -37.84
CA PRO B 224 10.33 -26.27 -39.31
C PRO B 224 8.90 -26.67 -39.72
N THR B 225 8.28 -25.93 -40.66
CA THR B 225 6.89 -26.27 -41.07
C THR B 225 6.90 -27.54 -41.92
N VAL C 28 -15.34 25.60 29.76
CA VAL C 28 -14.65 24.60 30.65
C VAL C 28 -15.61 24.06 31.72
N VAL C 29 -15.67 22.74 31.83
CA VAL C 29 -16.60 22.07 32.73
C VAL C 29 -15.79 21.20 33.68
N SER C 30 -16.16 21.19 34.96
CA SER C 30 -15.51 20.30 35.91
C SER C 30 -16.19 18.94 35.84
N ILE C 31 -15.40 17.87 35.79
CA ILE C 31 -15.97 16.52 35.82
C ILE C 31 -15.99 16.03 37.26
N PRO C 32 -17.14 15.57 37.79
CA PRO C 32 -17.21 15.11 39.18
C PRO C 32 -16.39 13.85 39.43
N ILE C 33 -15.67 13.88 40.56
CA ILE C 33 -14.86 12.79 41.08
C ILE C 33 -15.25 12.60 42.54
N ASN C 34 -15.43 11.35 42.95
CA ASN C 34 -15.75 11.08 44.35
C ASN C 34 -14.48 11.19 45.22
N ASN C 35 -14.64 11.80 46.41
CA ASN C 35 -13.54 11.87 47.39
C ASN C 35 -12.24 12.32 46.68
N ALA C 36 -12.33 13.41 45.90
CA ALA C 36 -11.24 13.81 45.00
C ALA C 36 -10.05 14.38 45.78
N GLY C 37 -10.28 14.82 47.03
CA GLY C 37 -9.20 15.33 47.86
C GLY C 37 -8.89 14.44 49.06
N PHE C 38 -9.43 13.22 49.04
CA PHE C 38 -9.21 12.21 50.08
C PHE C 38 -9.62 12.76 51.46
N GLU C 39 -10.61 13.64 51.51
CA GLU C 39 -11.02 14.26 52.77
C GLU C 39 -11.87 13.31 53.63
N ASP C 40 -12.35 12.21 53.02
CA ASP C 40 -13.13 11.17 53.70
C ASP C 40 -12.23 9.94 53.84
N PRO C 41 -11.94 9.49 55.07
CA PRO C 41 -12.55 9.94 56.31
C PRO C 41 -11.81 11.08 57.03
N PHE C 42 -12.56 11.80 57.85
CA PHE C 42 -12.00 12.83 58.73
C PHE C 42 -11.04 12.14 59.70
N ILE C 43 -9.90 12.76 59.94
CA ILE C 43 -8.88 12.25 60.86
C ILE C 43 -8.55 13.39 61.82
N GLU C 44 -8.62 13.09 63.12
CA GLU C 44 -8.50 14.13 64.14
C GLU C 44 -7.03 14.47 64.44
N VAL C 45 -6.14 13.48 64.46
CA VAL C 45 -4.76 13.65 64.99
C VAL C 45 -3.75 13.81 63.83
N VAL C 46 -2.95 14.89 63.89
CA VAL C 46 -1.96 15.17 62.84
C VAL C 46 -1.07 13.93 62.67
N ASP C 47 -0.85 13.57 61.39
CA ASP C 47 0.03 12.48 60.93
C ASP C 47 -0.59 11.10 61.23
N ASP C 48 -1.82 11.06 61.74
CA ASP C 48 -2.53 9.79 61.77
C ASP C 48 -2.99 9.45 60.34
N TYR C 49 -3.18 8.16 60.07
CA TYR C 49 -3.52 7.66 58.76
C TYR C 49 -4.33 6.37 58.85
N THR C 50 -5.09 6.08 57.79
CA THR C 50 -5.80 4.83 57.64
C THR C 50 -4.93 3.87 56.82
N VAL C 51 -5.31 2.60 56.79
CA VAL C 51 -4.61 1.62 55.97
C VAL C 51 -5.60 0.86 55.08
N ASP C 52 -6.79 1.46 54.88
CA ASP C 52 -7.84 0.89 54.07
C ASP C 52 -8.09 1.79 52.87
N THR C 53 -8.50 1.19 51.75
CA THR C 53 -8.76 1.94 50.52
C THR C 53 -9.69 3.11 50.83
N PRO C 54 -9.33 4.32 50.37
CA PRO C 54 -10.19 5.47 50.62
C PRO C 54 -11.57 5.32 49.99
N PRO C 55 -12.63 5.74 50.69
CA PRO C 55 -13.98 5.70 50.11
C PRO C 55 -13.98 6.36 48.73
N GLY C 56 -14.71 5.75 47.79
CA GLY C 56 -14.89 6.30 46.48
C GLY C 56 -13.83 5.82 45.48
N TRP C 57 -12.73 5.26 45.98
CA TRP C 57 -11.62 4.80 45.20
C TRP C 57 -11.55 3.28 45.28
N THR C 58 -10.87 2.66 44.30
CA THR C 58 -10.51 1.27 44.43
C THR C 58 -8.99 1.18 44.45
N THR C 59 -8.49 0.04 44.89
CA THR C 59 -7.06 -0.20 44.86
C THR C 59 -6.67 -0.79 43.51
N TYR C 60 -5.85 -0.04 42.76
CA TYR C 60 -5.25 -0.53 41.53
C TYR C 60 -4.14 -1.50 41.90
N ASN C 61 -4.29 -2.77 41.51
CA ASN C 61 -3.44 -3.80 42.05
C ASN C 61 -3.05 -4.81 40.98
N PRO C 62 -2.36 -4.40 39.89
CA PRO C 62 -2.13 -5.30 38.76
C PRO C 62 -1.12 -6.42 39.07
N ASN C 63 -0.26 -6.21 40.06
CA ASN C 63 0.81 -7.15 40.40
C ASN C 63 0.57 -7.79 41.77
N ASN C 64 -0.64 -7.60 42.30
CA ASN C 64 -1.09 -8.24 43.50
C ASN C 64 -0.18 -7.93 44.69
N LEU C 65 0.32 -6.69 44.74
CA LEU C 65 1.29 -6.29 45.76
C LEU C 65 0.57 -5.85 47.05
N VAL C 66 -0.69 -5.43 46.94
CA VAL C 66 -1.44 -4.94 48.11
C VAL C 66 -2.44 -5.99 48.55
N PRO C 67 -2.35 -6.48 49.81
CA PRO C 67 -3.27 -7.51 50.31
C PRO C 67 -4.64 -6.93 50.69
N GLU C 68 -5.69 -7.77 50.73
CA GLU C 68 -7.03 -7.30 51.09
C GLU C 68 -7.04 -6.81 52.55
N LYS C 69 -6.34 -7.54 53.41
CA LYS C 69 -6.23 -7.15 54.82
C LYS C 69 -4.85 -6.52 55.00
N ARG C 70 -4.84 -5.24 55.41
CA ARG C 70 -3.61 -4.48 55.56
C ARG C 70 -3.32 -4.22 57.05
N THR C 71 -2.05 -3.87 57.28
CA THR C 71 -1.58 -3.28 58.51
C THR C 71 -0.60 -2.16 58.13
N THR C 72 -0.03 -1.52 59.14
CA THR C 72 1.01 -0.50 58.97
C THR C 72 2.24 -1.13 58.29
N TRP C 73 2.44 -2.46 58.43
CA TRP C 73 3.67 -3.17 58.00
C TRP C 73 3.53 -3.76 56.58
N THR C 74 2.31 -3.99 56.14
CA THR C 74 2.09 -4.55 54.80
C THR C 74 2.17 -3.41 53.77
N SER C 75 2.29 -3.73 52.48
CA SER C 75 1.87 -2.76 51.48
C SER C 75 0.45 -2.30 51.84
N ASN C 76 0.18 -1.02 51.62
CA ASN C 76 -1.13 -0.50 51.96
C ASN C 76 -1.40 0.81 51.23
N ASN C 77 -2.63 1.28 51.37
CA ASN C 77 -2.99 2.59 50.92
C ASN C 77 -4.06 3.11 51.87
N GLY C 78 -4.37 4.40 51.78
CA GLY C 78 -5.30 5.01 52.73
C GLY C 78 -5.21 6.52 52.63
N VAL C 79 -5.67 7.22 53.68
CA VAL C 79 -5.60 8.67 53.73
C VAL C 79 -4.80 9.06 54.99
N GLY C 80 -4.21 10.24 54.98
CA GLY C 80 -3.44 10.73 56.09
C GLY C 80 -3.67 12.21 56.29
N TYR C 81 -3.64 12.64 57.56
CA TYR C 81 -3.89 14.05 57.90
C TYR C 81 -2.54 14.77 57.94
N VAL C 82 -2.35 15.67 56.96
CA VAL C 82 -1.16 16.51 56.90
C VAL C 82 -1.55 17.89 57.45
N GLY C 83 -1.45 18.02 58.76
CA GLY C 83 -1.90 19.21 59.44
C GLY C 83 -0.74 19.92 60.12
N PRO C 84 -1.06 20.92 60.96
CA PRO C 84 -0.05 21.82 61.51
C PRO C 84 0.99 21.05 62.30
N GLY C 85 2.27 21.31 61.98
CA GLY C 85 3.38 20.66 62.66
C GLY C 85 3.66 19.26 62.14
N THR C 86 3.12 18.91 60.97
CA THR C 86 3.39 17.59 60.38
C THR C 86 4.91 17.31 60.40
N GLN C 87 5.26 16.05 60.69
CA GLN C 87 6.64 15.65 60.75
C GLN C 87 7.20 15.28 59.38
N PHE C 88 6.40 15.25 58.32
CA PHE C 88 6.85 14.56 57.10
C PHE C 88 6.88 15.50 55.88
N TYR C 89 6.40 16.73 56.05
CA TYR C 89 6.33 17.69 54.94
C TYR C 89 6.73 19.07 55.45
N ASN C 90 7.07 19.96 54.50
CA ASN C 90 7.42 21.35 54.77
C ASN C 90 6.20 22.23 54.57
N GLN C 91 5.06 21.62 54.27
CA GLN C 91 3.86 22.35 53.95
C GLN C 91 2.66 21.54 54.46
N LEU C 92 1.49 22.18 54.52
CA LEU C 92 0.24 21.45 54.77
C LEU C 92 -0.17 20.68 53.51
N ALA C 93 -1.26 19.91 53.61
CA ALA C 93 -1.84 19.25 52.43
C ALA C 93 -2.07 20.29 51.33
N PRO C 94 -1.91 19.90 50.05
CA PRO C 94 -2.33 20.76 48.95
C PRO C 94 -3.75 21.30 49.08
N GLU C 95 -4.65 20.45 49.57
CA GLU C 95 -6.08 20.76 49.66
C GLU C 95 -6.63 20.14 50.95
N GLY C 96 -7.41 20.93 51.70
CA GLY C 96 -8.06 20.43 52.90
C GLY C 96 -7.06 19.92 53.92
N ARG C 97 -7.47 18.89 54.66
CA ARG C 97 -6.71 18.27 55.73
C ARG C 97 -5.83 17.12 55.23
N ASN C 98 -6.36 16.30 54.32
CA ASN C 98 -5.84 14.96 54.09
C ASN C 98 -5.16 14.83 52.72
N ILE C 99 -4.29 13.84 52.61
CA ILE C 99 -3.78 13.31 51.34
C ILE C 99 -4.15 11.82 51.25
N GLY C 100 -4.01 11.26 50.05
CA GLY C 100 -4.11 9.82 49.87
C GLY C 100 -2.73 9.25 49.66
N TYR C 101 -2.40 8.12 50.29
CA TYR C 101 -1.03 7.62 50.21
C TYR C 101 -1.07 6.16 49.77
N ILE C 102 0.02 5.73 49.14
CA ILE C 102 0.26 4.33 48.77
C ILE C 102 1.68 3.99 49.23
N TYR C 103 1.80 2.89 49.97
CA TYR C 103 3.09 2.42 50.42
C TYR C 103 3.25 0.96 49.98
N LEU C 104 4.38 0.66 49.34
CA LEU C 104 4.64 -0.69 48.88
C LEU C 104 5.88 -1.25 49.56
N ALA C 105 5.70 -2.41 50.19
CA ALA C 105 6.76 -2.99 51.04
C ALA C 105 7.72 -3.86 50.23
N GLN C 106 7.28 -4.29 49.06
CA GLN C 106 8.12 -5.16 48.21
C GLN C 106 9.32 -4.38 47.65
N LYS C 107 10.35 -5.11 47.17
CA LYS C 107 11.55 -4.44 46.72
C LYS C 107 11.28 -3.73 45.38
N PRO C 108 12.07 -2.69 45.07
CA PRO C 108 11.93 -1.99 43.79
C PRO C 108 11.94 -2.97 42.61
N GLY C 109 11.07 -2.69 41.65
CA GLY C 109 10.98 -3.52 40.48
C GLY C 109 9.90 -4.58 40.57
N SER C 110 9.24 -4.72 41.73
CA SER C 110 8.30 -5.83 41.97
C SER C 110 6.97 -5.60 41.24
N GLY C 111 6.72 -4.38 40.77
CA GLY C 111 5.43 -4.05 40.16
C GLY C 111 4.95 -2.69 40.58
N VAL C 112 3.66 -2.41 40.36
CA VAL C 112 3.08 -1.12 40.67
C VAL C 112 1.73 -1.34 41.37
N ALA C 113 1.26 -0.28 42.04
CA ALA C 113 -0.05 -0.30 42.67
C ALA C 113 -0.48 1.13 42.94
N GLY C 114 -1.78 1.33 43.17
CA GLY C 114 -2.21 2.67 43.53
C GLY C 114 -3.70 2.77 43.71
N PHE C 115 -4.25 3.90 43.25
CA PHE C 115 -5.68 4.17 43.33
C PHE C 115 -6.26 4.17 41.93
N GLU C 116 -7.52 3.76 41.81
CA GLU C 116 -8.27 3.85 40.54
C GLU C 116 -9.68 4.33 40.85
N GLN C 117 -10.24 5.18 39.99
CA GLN C 117 -11.66 5.50 40.08
C GLN C 117 -12.23 5.64 38.67
N ILE C 118 -13.29 4.87 38.41
CA ILE C 118 -14.04 5.00 37.20
C ILE C 118 -15.13 6.06 37.41
N LEU C 119 -15.23 6.99 36.46
CA LEU C 119 -16.14 8.14 36.59
C LEU C 119 -17.46 7.85 35.90
N ASP C 120 -18.47 8.68 36.19
CA ASP C 120 -19.78 8.62 35.52
C ASP C 120 -19.66 9.22 34.11
N ALA C 121 -18.84 10.25 33.93
CA ALA C 121 -18.64 10.90 32.63
C ALA C 121 -18.07 9.92 31.60
N THR C 122 -18.43 10.14 30.34
CA THR C 122 -17.88 9.33 29.28
C THR C 122 -17.05 10.21 28.34
N LEU C 123 -16.21 9.56 27.55
CA LEU C 123 -15.39 10.26 26.58
C LEU C 123 -16.26 10.84 25.46
N GLU C 124 -16.15 12.16 25.26
CA GLU C 124 -16.91 12.85 24.26
C GLU C 124 -15.97 13.33 23.17
N PRO C 125 -16.49 13.60 21.96
CA PRO C 125 -15.64 14.02 20.85
C PRO C 125 -15.29 15.51 20.91
N ASP C 126 -14.17 15.86 20.28
CA ASP C 126 -13.70 17.23 20.08
C ASP C 126 -13.68 17.93 21.43
N THR C 127 -13.04 17.27 22.40
CA THR C 127 -12.97 17.76 23.77
C THR C 127 -11.53 17.68 24.25
N ASN C 128 -11.08 18.76 24.87
CA ASN C 128 -9.77 18.81 25.55
C ASN C 128 -9.97 18.47 27.03
N TYR C 129 -9.35 17.38 27.49
CA TYR C 129 -9.39 16.98 28.90
C TYR C 129 -8.08 17.41 29.59
N THR C 130 -8.18 17.88 30.84
CA THR C 130 -7.01 18.24 31.62
C THR C 130 -7.17 17.66 33.03
N LEU C 131 -6.28 16.74 33.39
CA LEU C 131 -6.30 16.08 34.67
C LEU C 131 -5.13 16.63 35.48
N LYS C 132 -5.42 17.14 36.69
CA LYS C 132 -4.37 17.66 37.55
C LYS C 132 -4.43 16.94 38.89
N VAL C 133 -3.25 16.58 39.40
CA VAL C 133 -3.13 15.87 40.67
C VAL C 133 -1.85 16.36 41.35
N ASP C 134 -1.93 16.66 42.64
CA ASP C 134 -0.72 16.97 43.36
C ASP C 134 -0.09 15.68 43.86
N VAL C 135 1.23 15.58 43.73
CA VAL C 135 2.00 14.44 44.08
C VAL C 135 3.02 14.86 45.14
N GLY C 136 3.14 14.05 46.20
CA GLY C 136 3.98 14.38 47.36
C GLY C 136 5.06 13.35 47.62
N ASN C 137 6.22 13.87 48.05
CA ASN C 137 7.39 13.09 48.44
C ASN C 137 7.57 13.29 49.96
N LEU C 138 7.34 12.24 50.74
CA LEU C 138 7.49 12.33 52.22
C LEU C 138 8.95 12.59 52.59
N ALA C 139 9.16 13.34 53.67
CA ALA C 139 10.49 13.56 54.18
C ALA C 139 10.50 13.20 55.66
N GLY C 140 11.70 13.14 56.24
CA GLY C 140 11.78 13.00 57.67
C GLY C 140 12.00 11.57 58.11
N THR C 141 11.62 11.31 59.37
CA THR C 141 11.88 10.04 60.07
C THR C 141 10.69 9.66 60.96
N PHE C 142 10.37 8.36 60.92
CA PHE C 142 9.30 7.76 61.69
C PHE C 142 9.93 6.58 62.43
N LYS C 143 10.25 6.84 63.71
CA LYS C 143 10.82 5.90 64.64
C LYS C 143 11.92 5.05 63.99
N GLY C 144 13.05 5.72 63.73
CA GLY C 144 14.27 5.10 63.29
C GLY C 144 14.28 4.84 61.80
N LEU C 145 13.17 5.10 61.12
CA LEU C 145 13.00 4.81 59.67
C LEU C 145 13.12 6.10 58.86
N SER C 146 13.89 6.05 57.77
CA SER C 146 14.07 7.25 56.98
C SER C 146 13.07 7.22 55.81
N PHE C 147 12.40 8.33 55.55
CA PHE C 147 11.49 8.47 54.41
C PHE C 147 12.23 9.12 53.23
N ALA C 148 13.56 9.21 53.30
CA ALA C 148 14.36 9.74 52.20
C ALA C 148 14.13 8.86 50.97
N GLY C 149 13.97 9.52 49.82
CA GLY C 149 13.76 8.79 48.57
C GLY C 149 12.30 8.78 48.13
N PHE C 150 12.06 8.30 46.89
CA PHE C 150 10.79 8.48 46.27
C PHE C 150 10.62 7.38 45.23
N PRO C 151 9.47 6.70 45.14
CA PRO C 151 9.36 5.50 44.30
C PRO C 151 9.06 5.83 42.83
N GLY C 152 8.75 7.09 42.53
CA GLY C 152 8.24 7.44 41.18
C GLY C 152 6.72 7.32 41.13
N TYR C 153 6.09 8.17 40.33
CA TYR C 153 4.65 8.21 40.20
C TYR C 153 4.24 8.12 38.72
N ARG C 154 3.00 7.67 38.50
CA ARG C 154 2.32 7.85 37.21
C ARG C 154 0.87 8.24 37.45
N VAL C 155 0.41 9.25 36.72
CA VAL C 155 -0.95 9.70 36.72
C VAL C 155 -1.53 9.36 35.35
N GLU C 156 -2.66 8.64 35.33
CA GLU C 156 -3.29 8.14 34.09
C GLU C 156 -4.70 8.72 33.94
N LEU C 157 -5.07 9.07 32.71
CA LEU C 157 -6.45 9.31 32.35
C LEU C 157 -6.90 8.14 31.45
N LEU C 158 -8.00 7.47 31.79
CA LEU C 158 -8.52 6.30 31.11
C LEU C 158 -9.81 6.62 30.36
N ALA C 159 -10.04 5.81 29.32
CA ALA C 159 -11.38 5.60 28.77
C ALA C 159 -11.59 4.10 28.68
N GLY C 160 -12.57 3.57 29.41
CA GLY C 160 -12.64 2.11 29.54
C GLY C 160 -11.35 1.59 30.16
N ASP C 161 -10.71 0.60 29.53
CA ASP C 161 -9.48 -0.02 30.04
C ASP C 161 -8.24 0.57 29.35
N THR C 162 -8.43 1.62 28.54
CA THR C 162 -7.35 2.20 27.73
C THR C 162 -6.79 3.42 28.47
N VAL C 163 -5.48 3.50 28.59
CA VAL C 163 -4.83 4.69 29.08
C VAL C 163 -4.71 5.70 27.93
N LEU C 164 -5.55 6.71 27.95
CA LEU C 164 -5.52 7.72 26.89
C LEU C 164 -4.23 8.54 26.97
N ALA C 165 -3.88 8.95 28.19
CA ALA C 165 -2.75 9.83 28.38
C ALA C 165 -2.21 9.61 29.78
N ALA C 166 -0.92 9.79 29.95
CA ALA C 166 -0.35 9.61 31.32
C ALA C 166 0.95 10.39 31.45
N ASP C 167 1.16 10.91 32.66
CA ASP C 167 2.43 11.51 33.08
C ASP C 167 3.17 10.46 33.89
N HIS C 168 4.17 9.81 33.29
CA HIS C 168 5.02 8.87 34.00
C HIS C 168 6.24 9.62 34.54
N ASN C 169 6.10 10.12 35.78
CA ASN C 169 7.25 10.54 36.58
C ASN C 169 8.06 11.69 35.99
N ASN C 170 7.43 12.66 35.30
CA ASN C 170 8.20 13.72 34.67
C ASN C 170 8.61 14.83 35.66
N LEU C 171 7.87 15.00 36.76
CA LEU C 171 8.15 16.13 37.67
C LEU C 171 9.24 15.71 38.64
N PHE C 172 10.07 16.68 39.04
CA PHE C 172 11.01 16.42 40.09
C PHE C 172 10.36 16.93 41.37
N ILE C 173 10.19 16.04 42.35
CA ILE C 173 9.52 16.44 43.59
C ILE C 173 10.52 16.35 44.74
N LYS C 174 10.77 17.49 45.38
CA LYS C 174 11.75 17.57 46.45
C LYS C 174 11.17 16.86 47.68
N GLU C 175 12.09 16.38 48.53
CA GLU C 175 11.68 15.75 49.82
C GLU C 175 10.79 16.74 50.60
N GLY C 176 9.63 16.26 51.04
CA GLY C 176 8.70 17.00 51.86
C GLY C 176 7.89 18.05 51.11
N GLU C 177 7.77 17.91 49.79
CA GLU C 177 7.01 18.88 49.02
C GLU C 177 5.99 18.15 48.15
N PHE C 178 5.06 18.92 47.58
CA PHE C 178 4.08 18.47 46.62
C PHE C 178 4.29 19.30 45.35
N LYS C 179 3.99 18.68 44.21
CA LYS C 179 4.02 19.36 42.92
C LYS C 179 2.81 18.88 42.11
N THR C 180 2.31 19.73 41.22
CA THR C 180 1.11 19.40 40.44
C THR C 180 1.54 18.76 39.13
N SER C 181 1.02 17.54 38.89
CA SER C 181 1.12 16.79 37.63
C SER C 181 -0.07 17.20 36.75
N THR C 182 0.19 17.44 35.47
CA THR C 182 -0.89 17.74 34.52
C THR C 182 -0.84 16.71 33.39
N VAL C 183 -1.99 16.10 33.13
CA VAL C 183 -2.17 15.12 32.08
C VAL C 183 -3.24 15.65 31.13
N THR C 184 -2.96 15.57 29.81
CA THR C 184 -3.87 16.16 28.83
C THR C 184 -4.20 15.15 27.73
N TYR C 185 -5.46 15.14 27.29
CA TYR C 185 -5.89 14.30 26.16
C TYR C 185 -6.86 15.13 25.33
N THR C 186 -6.75 15.02 24.01
CA THR C 186 -7.69 15.69 23.14
C THR C 186 -8.35 14.63 22.28
N SER C 187 -9.68 14.56 22.32
CA SER C 187 -10.41 13.59 21.52
C SER C 187 -10.73 14.20 20.15
N THR C 188 -10.91 13.31 19.18
CA THR C 188 -11.37 13.68 17.83
C THR C 188 -12.79 13.16 17.63
N ALA C 189 -13.36 13.40 16.45
CA ALA C 189 -14.74 13.04 16.18
C ALA C 189 -14.88 11.52 16.06
N LYS C 190 -13.78 10.81 15.79
CA LYS C 190 -13.87 9.38 15.45
C LYS C 190 -13.08 8.52 16.47
N ASP C 191 -12.80 9.09 17.63
CA ASP C 191 -12.03 8.36 18.63
C ASP C 191 -12.70 7.01 18.85
N LEU C 192 -11.88 5.94 18.86
CA LEU C 192 -12.35 4.58 19.03
C LEU C 192 -13.05 4.43 20.37
N HIS C 193 -12.65 5.23 21.36
CA HIS C 193 -13.14 5.05 22.74
C HIS C 193 -14.31 5.98 23.10
N LEU C 194 -14.92 6.67 22.14
CA LEU C 194 -16.03 7.57 22.47
C LEU C 194 -17.15 6.79 23.19
N GLY C 195 -17.76 7.45 24.18
CA GLY C 195 -18.89 6.86 24.88
C GLY C 195 -18.45 5.92 25.99
N GLN C 196 -17.15 5.67 26.14
CA GLN C 196 -16.61 4.83 27.20
C GLN C 196 -16.43 5.67 28.47
N LYS C 197 -16.54 5.04 29.64
CA LYS C 197 -16.41 5.78 30.90
C LYS C 197 -14.96 6.25 31.09
N LEU C 198 -14.82 7.50 31.55
CA LEU C 198 -13.53 8.03 31.90
C LEU C 198 -13.08 7.38 33.20
N GLY C 199 -11.77 7.35 33.39
CA GLY C 199 -11.22 6.87 34.68
C GLY C 199 -9.91 7.58 35.01
N ILE C 200 -9.47 7.43 36.25
CA ILE C 200 -8.24 8.02 36.72
C ILE C 200 -7.47 6.95 37.49
N ARG C 201 -6.17 6.87 37.26
CA ARG C 201 -5.30 6.02 38.09
C ARG C 201 -4.17 6.89 38.61
N LEU C 202 -3.79 6.62 39.86
CA LEU C 202 -2.71 7.31 40.55
C LEU C 202 -1.80 6.20 41.06
N VAL C 203 -0.60 6.11 40.51
CA VAL C 203 0.22 4.90 40.60
C VAL C 203 1.56 5.17 41.28
N ASN C 204 1.87 4.32 42.25
CA ASN C 204 3.18 4.18 42.87
C ASN C 204 4.00 3.23 41.99
N LEU C 205 5.11 3.71 41.42
CA LEU C 205 5.90 2.94 40.43
C LEU C 205 6.88 1.97 41.08
N LEU C 206 7.12 2.09 42.40
CA LEU C 206 8.06 1.22 43.11
C LEU C 206 9.37 1.07 42.31
N GLN C 207 9.98 2.22 41.95
CA GLN C 207 11.22 2.23 41.19
C GLN C 207 12.41 2.48 42.13
N ASP C 208 12.13 2.81 43.39
CA ASP C 208 13.17 3.10 44.38
C ASP C 208 12.51 3.15 45.76
N LYS C 209 13.35 3.32 46.79
CA LYS C 209 12.90 3.50 48.21
C LYS C 209 13.36 4.87 48.70
N PHE C 210 12.71 5.49 49.69
CA PHE C 210 11.51 5.03 50.37
C PHE C 210 10.37 4.90 49.36
N SER C 211 9.56 3.83 49.46
CA SER C 211 8.59 3.51 48.44
C SER C 211 7.14 3.81 48.85
N GLY C 212 6.95 4.95 49.51
CA GLY C 212 5.64 5.51 49.73
C GLY C 212 5.52 6.83 48.99
N LEU C 213 4.31 7.22 48.60
CA LEU C 213 4.11 8.57 48.06
C LEU C 213 2.67 8.99 48.30
N ASP C 214 2.40 10.28 48.07
CA ASP C 214 1.11 10.84 48.36
C ASP C 214 0.51 11.49 47.12
N PHE C 215 -0.82 11.54 47.09
CA PHE C 215 -1.56 12.28 46.08
C PHE C 215 -2.61 13.15 46.76
N ASP C 216 -2.99 14.26 46.14
CA ASP C 216 -4.10 15.07 46.61
C ASP C 216 -4.72 15.89 45.49
N ASN C 217 -5.93 16.37 45.72
CA ASN C 217 -6.54 17.42 44.94
C ASN C 217 -6.69 17.01 43.47
N VAL C 218 -7.37 15.89 43.26
CA VAL C 218 -7.55 15.41 41.89
C VAL C 218 -8.61 16.30 41.24
N ARG C 219 -8.31 16.81 40.03
CA ARG C 219 -9.22 17.71 39.31
C ARG C 219 -9.24 17.29 37.83
N LEU C 220 -10.42 17.16 37.23
CA LEU C 220 -10.54 16.86 35.79
C LEU C 220 -11.50 17.87 35.17
N THR C 221 -11.06 18.50 34.08
CA THR C 221 -11.90 19.44 33.35
C THR C 221 -12.00 19.00 31.90
N ALA C 222 -13.13 19.34 31.27
CA ALA C 222 -13.36 19.10 29.85
C ALA C 222 -13.77 20.42 29.19
N GLU C 223 -13.24 20.68 28.00
CA GLU C 223 -13.53 21.90 27.27
C GLU C 223 -13.64 21.55 25.79
N PRO C 224 -14.73 21.92 25.10
CA PRO C 224 -14.80 21.79 23.64
C PRO C 224 -13.58 22.42 22.95
N THR C 225 -13.03 21.75 21.95
CA THR C 225 -11.92 22.32 21.16
C THR C 225 -12.43 23.48 20.30
N VAL D 28 -27.31 -17.55 -26.73
CA VAL D 28 -26.46 -16.83 -27.72
C VAL D 28 -27.32 -15.88 -28.56
N VAL D 29 -26.89 -14.62 -28.63
CA VAL D 29 -27.62 -13.54 -29.30
C VAL D 29 -26.70 -12.94 -30.36
N SER D 30 -27.25 -12.61 -31.53
CA SER D 30 -26.46 -11.90 -32.58
C SER D 30 -26.61 -10.39 -32.38
N ILE D 31 -25.49 -9.68 -32.47
CA ILE D 31 -25.47 -8.24 -32.42
C ILE D 31 -25.50 -7.72 -33.86
N PRO D 32 -26.44 -6.81 -34.20
CA PRO D 32 -26.57 -6.36 -35.59
C PRO D 32 -25.37 -5.53 -36.06
N ILE D 33 -24.96 -5.78 -37.31
CA ILE D 33 -23.84 -5.11 -37.96
C ILE D 33 -24.33 -4.71 -39.37
N ASN D 34 -24.14 -3.45 -39.76
CA ASN D 34 -24.57 -3.01 -41.09
C ASN D 34 -23.62 -3.56 -42.15
N ASN D 35 -24.16 -4.05 -43.28
CA ASN D 35 -23.32 -4.44 -44.42
C ASN D 35 -22.18 -5.37 -43.96
N ALA D 36 -22.51 -6.35 -43.12
CA ALA D 36 -21.51 -7.16 -42.42
C ALA D 36 -20.76 -8.10 -43.36
N GLY D 37 -21.36 -8.33 -44.54
CA GLY D 37 -20.71 -9.17 -45.52
C GLY D 37 -20.29 -8.40 -46.76
N PHE D 38 -20.33 -7.07 -46.68
CA PHE D 38 -19.88 -6.20 -47.78
C PHE D 38 -20.67 -6.45 -49.07
N GLU D 39 -21.93 -6.86 -48.93
CA GLU D 39 -22.72 -7.20 -50.13
C GLU D 39 -23.28 -5.94 -50.82
N ASP D 40 -23.23 -4.79 -50.14
CA ASP D 40 -23.60 -3.50 -50.67
C ASP D 40 -22.32 -2.74 -50.96
N PRO D 41 -22.09 -2.27 -52.18
CA PRO D 41 -22.97 -2.32 -53.32
C PRO D 41 -22.87 -3.63 -54.11
N PHE D 42 -23.94 -3.92 -54.84
CA PHE D 42 -23.95 -5.03 -55.80
C PHE D 42 -22.93 -4.73 -56.91
N ILE D 43 -22.15 -5.74 -57.30
CA ILE D 43 -21.15 -5.64 -58.37
C ILE D 43 -21.48 -6.73 -59.41
N GLU D 44 -21.55 -6.35 -60.69
CA GLU D 44 -22.07 -7.26 -61.74
C GLU D 44 -20.98 -8.20 -62.25
N VAL D 45 -19.76 -7.68 -62.51
CA VAL D 45 -18.68 -8.44 -63.15
C VAL D 45 -17.68 -9.00 -62.11
N VAL D 46 -17.36 -10.30 -62.24
CA VAL D 46 -16.42 -11.04 -61.41
C VAL D 46 -15.06 -10.34 -61.44
N ASP D 47 -14.53 -10.10 -60.22
CA ASP D 47 -13.24 -9.50 -59.94
C ASP D 47 -13.27 -7.98 -60.18
N ASP D 48 -14.44 -7.40 -60.44
CA ASP D 48 -14.56 -5.93 -60.41
C ASP D 48 -14.66 -5.50 -58.94
N TYR D 49 -14.32 -4.24 -58.67
CA TYR D 49 -14.23 -3.74 -57.30
C TYR D 49 -14.53 -2.24 -57.31
N THR D 50 -14.93 -1.71 -56.15
CA THR D 50 -15.05 -0.27 -55.91
C THR D 50 -13.80 0.22 -55.20
N VAL D 51 -13.59 1.55 -55.18
CA VAL D 51 -12.46 2.12 -54.47
C VAL D 51 -12.94 3.13 -53.43
N ASP D 52 -14.23 3.04 -53.05
CA ASP D 52 -14.78 3.91 -52.03
C ASP D 52 -15.19 3.11 -50.80
N THR D 53 -15.18 3.78 -49.65
CA THR D 53 -15.52 3.13 -48.40
C THR D 53 -16.86 2.40 -48.56
N PRO D 54 -16.96 1.14 -48.12
CA PRO D 54 -18.22 0.42 -48.21
C PRO D 54 -19.30 1.08 -47.37
N PRO D 55 -20.55 1.12 -47.87
CA PRO D 55 -21.69 1.58 -47.08
C PRO D 55 -21.73 0.89 -45.69
N GLY D 56 -22.04 1.69 -44.67
CA GLY D 56 -22.22 1.17 -43.33
C GLY D 56 -20.93 1.19 -42.52
N TRP D 57 -19.78 1.31 -43.21
CA TRP D 57 -18.47 1.32 -42.63
C TRP D 57 -17.86 2.71 -42.78
N THR D 58 -16.77 2.90 -42.05
CA THR D 58 -15.96 4.05 -42.04
C THR D 58 -14.54 3.62 -42.37
N THR D 59 -13.72 4.49 -42.98
CA THR D 59 -12.29 4.18 -43.16
C THR D 59 -11.52 4.52 -41.88
N TYR D 60 -10.90 3.50 -41.30
CA TYR D 60 -10.01 3.65 -40.19
C TYR D 60 -8.65 4.10 -40.75
N ASN D 61 -8.19 5.28 -40.33
CA ASN D 61 -7.10 5.94 -41.03
C ASN D 61 -6.21 6.69 -40.05
N PRO D 62 -5.67 6.01 -39.02
CA PRO D 62 -4.91 6.70 -37.98
C PRO D 62 -3.61 7.34 -38.45
N ASN D 63 -3.08 6.87 -39.59
CA ASN D 63 -1.79 7.31 -40.11
C ASN D 63 -1.94 8.06 -41.44
N ASN D 64 -3.17 8.45 -41.76
CA ASN D 64 -3.49 9.24 -42.94
C ASN D 64 -2.95 8.59 -44.22
N LEU D 65 -2.99 7.26 -44.31
CA LEU D 65 -2.44 6.54 -45.46
C LEU D 65 -3.44 6.51 -46.61
N VAL D 66 -4.74 6.52 -46.30
CA VAL D 66 -5.76 6.41 -47.35
C VAL D 66 -6.30 7.81 -47.69
N PRO D 67 -6.19 8.27 -48.95
CA PRO D 67 -6.70 9.61 -49.31
C PRO D 67 -8.24 9.61 -49.46
N GLU D 68 -8.85 10.79 -49.33
CA GLU D 68 -10.31 10.88 -49.46
C GLU D 68 -10.72 10.57 -50.90
N LYS D 69 -9.93 11.03 -51.87
CA LYS D 69 -10.17 10.71 -53.26
C LYS D 69 -9.21 9.59 -53.67
N ARG D 70 -9.78 8.44 -54.03
CA ARG D 70 -9.00 7.23 -54.38
C ARG D 70 -9.06 6.95 -55.89
N THR D 71 -8.05 6.20 -56.35
CA THR D 71 -8.03 5.51 -57.65
C THR D 71 -7.64 4.06 -57.36
N THR D 72 -7.55 3.28 -58.43
CA THR D 72 -6.99 1.91 -58.41
C THR D 72 -5.53 1.95 -57.93
N TRP D 73 -4.82 3.07 -58.12
CA TRP D 73 -3.37 3.09 -57.89
C TRP D 73 -2.98 3.76 -56.55
N THR D 74 -3.90 4.48 -55.90
CA THR D 74 -3.63 5.02 -54.54
C THR D 74 -3.93 3.94 -53.48
N SER D 75 -3.60 4.21 -52.22
CA SER D 75 -4.14 3.39 -51.19
C SER D 75 -5.67 3.52 -51.31
N ASN D 76 -6.39 2.43 -51.02
CA ASN D 76 -7.83 2.51 -51.17
C ASN D 76 -8.46 1.37 -50.36
N ASN D 77 -9.78 1.46 -50.28
CA ASN D 77 -10.57 0.40 -49.79
C ASN D 77 -11.89 0.37 -50.57
N GLY D 78 -12.66 -0.71 -50.37
CA GLY D 78 -13.87 -0.90 -51.16
C GLY D 78 -14.37 -2.31 -51.06
N VAL D 79 -15.22 -2.72 -52.03
CA VAL D 79 -15.74 -4.07 -52.08
C VAL D 79 -15.34 -4.68 -53.42
N GLY D 80 -15.28 -6.01 -53.46
CA GLY D 80 -14.90 -6.72 -54.65
C GLY D 80 -15.72 -7.99 -54.80
N TYR D 81 -16.07 -8.32 -56.04
CA TYR D 81 -16.88 -9.50 -56.34
C TYR D 81 -15.96 -10.70 -56.57
N VAL D 82 -16.00 -11.66 -55.63
CA VAL D 82 -15.24 -12.88 -55.72
C VAL D 82 -16.22 -13.97 -56.15
N GLY D 83 -16.43 -14.01 -57.46
CA GLY D 83 -17.41 -14.88 -58.09
C GLY D 83 -16.76 -15.99 -58.91
N PRO D 84 -17.58 -16.79 -59.63
CA PRO D 84 -17.10 -17.96 -60.36
C PRO D 84 -15.92 -17.63 -61.31
N GLY D 85 -14.85 -18.41 -61.20
CA GLY D 85 -13.65 -18.24 -62.01
C GLY D 85 -12.75 -17.11 -61.54
N THR D 86 -12.94 -16.60 -60.31
CA THR D 86 -12.07 -15.55 -59.81
C THR D 86 -10.59 -15.88 -60.05
N GLN D 87 -9.80 -14.86 -60.39
CA GLN D 87 -8.40 -15.07 -60.70
C GLN D 87 -7.52 -15.02 -59.43
N PHE D 88 -8.10 -14.64 -58.28
CA PHE D 88 -7.24 -14.25 -57.14
C PHE D 88 -7.38 -15.20 -55.95
N TYR D 89 -8.34 -16.13 -56.00
CA TYR D 89 -8.58 -17.09 -54.94
C TYR D 89 -8.80 -18.49 -55.50
N ASN D 90 -8.68 -19.47 -54.59
CA ASN D 90 -8.95 -20.83 -54.90
C ASN D 90 -10.31 -21.24 -54.34
N GLN D 91 -11.14 -20.26 -53.99
CA GLN D 91 -12.50 -20.45 -53.46
C GLN D 91 -13.30 -19.20 -53.81
N LEU D 92 -14.65 -19.27 -53.73
CA LEU D 92 -15.52 -18.09 -53.83
C LEU D 92 -15.45 -17.29 -52.52
N ALA D 93 -16.17 -16.16 -52.46
CA ALA D 93 -16.24 -15.38 -51.22
C ALA D 93 -16.72 -16.28 -50.10
N PRO D 94 -16.26 -16.04 -48.86
CA PRO D 94 -16.81 -16.79 -47.74
C PRO D 94 -18.33 -16.71 -47.66
N GLU D 95 -18.90 -15.53 -47.94
CA GLU D 95 -20.31 -15.26 -47.80
C GLU D 95 -20.77 -14.39 -48.97
N GLY D 96 -21.88 -14.77 -49.56
CA GLY D 96 -22.45 -13.96 -50.63
C GLY D 96 -21.51 -13.83 -51.83
N ARG D 97 -21.59 -12.68 -52.49
CA ARG D 97 -20.81 -12.41 -53.72
C ARG D 97 -19.49 -11.70 -53.39
N ASN D 98 -19.53 -10.81 -52.39
CA ASN D 98 -18.47 -9.80 -52.28
C ASN D 98 -17.62 -10.00 -51.02
N ILE D 99 -16.42 -9.43 -51.07
CA ILE D 99 -15.57 -9.22 -49.90
C ILE D 99 -15.29 -7.72 -49.76
N GLY D 100 -14.78 -7.32 -48.59
CA GLY D 100 -14.26 -5.99 -48.40
C GLY D 100 -12.74 -6.00 -48.45
N TYR D 101 -12.11 -5.04 -49.14
CA TYR D 101 -10.67 -5.10 -49.23
C TYR D 101 -10.05 -3.76 -48.82
N ILE D 102 -8.78 -3.83 -48.41
CA ILE D 102 -7.96 -2.68 -48.10
C ILE D 102 -6.59 -2.93 -48.71
N TYR D 103 -6.20 -2.03 -49.59
CA TYR D 103 -4.86 -2.03 -50.21
C TYR D 103 -4.11 -0.73 -49.86
N LEU D 104 -2.86 -0.88 -49.36
CA LEU D 104 -2.02 0.24 -49.01
C LEU D 104 -0.78 0.28 -49.91
N ALA D 105 -0.55 1.45 -50.50
CA ALA D 105 0.48 1.65 -51.47
C ALA D 105 1.81 2.04 -50.82
N GLN D 106 1.76 2.54 -49.56
CA GLN D 106 2.96 3.02 -48.91
C GLN D 106 3.85 1.83 -48.53
N LYS D 107 5.11 2.13 -48.18
CA LYS D 107 6.04 1.03 -47.89
C LYS D 107 5.73 0.40 -46.53
N PRO D 108 6.10 -0.87 -46.36
CA PRO D 108 5.89 -1.58 -45.09
C PRO D 108 6.45 -0.74 -43.94
N GLY D 109 5.70 -0.67 -42.83
CA GLY D 109 6.10 0.09 -41.66
C GLY D 109 5.51 1.48 -41.63
N SER D 110 4.83 1.90 -42.70
CA SER D 110 4.32 3.27 -42.79
C SER D 110 3.16 3.55 -41.82
N GLY D 111 2.47 2.50 -41.35
CA GLY D 111 1.29 2.67 -40.49
C GLY D 111 0.25 1.61 -40.84
N VAL D 112 -1.01 1.84 -40.44
CA VAL D 112 -2.09 0.91 -40.64
C VAL D 112 -3.33 1.64 -41.12
N ALA D 113 -4.28 0.89 -41.69
CA ALA D 113 -5.57 1.44 -42.10
C ALA D 113 -6.55 0.29 -42.31
N GLY D 114 -7.84 0.62 -42.32
CA GLY D 114 -8.78 -0.42 -42.59
C GLY D 114 -10.20 0.09 -42.50
N PHE D 115 -11.07 -0.76 -41.97
CA PHE D 115 -12.49 -0.46 -41.81
C PHE D 115 -12.81 -0.35 -40.32
N GLU D 116 -13.80 0.49 -40.01
CA GLU D 116 -14.33 0.62 -38.65
C GLU D 116 -15.85 0.72 -38.74
N GLN D 117 -16.57 0.14 -37.78
CA GLN D 117 -17.99 0.36 -37.66
C GLN D 117 -18.36 0.41 -36.18
N ILE D 118 -19.06 1.47 -35.80
CA ILE D 118 -19.57 1.60 -34.44
C ILE D 118 -21.02 1.09 -34.44
N LEU D 119 -21.32 0.19 -33.51
CA LEU D 119 -22.61 -0.49 -33.47
C LEU D 119 -23.59 0.24 -32.57
N ASP D 120 -24.85 -0.18 -32.59
CA ASP D 120 -25.90 0.43 -31.77
C ASP D 120 -25.93 -0.23 -30.39
N ALA D 121 -25.46 -1.47 -30.30
CA ALA D 121 -25.45 -2.17 -29.02
C ALA D 121 -24.27 -1.65 -28.20
N THR D 122 -24.44 -1.66 -26.87
CA THR D 122 -23.38 -1.19 -25.97
C THR D 122 -22.89 -2.37 -25.10
N LEU D 123 -21.73 -2.19 -24.48
CA LEU D 123 -21.12 -3.26 -23.68
C LEU D 123 -21.99 -3.54 -22.45
N GLU D 124 -22.28 -4.83 -22.24
CA GLU D 124 -23.13 -5.31 -21.15
C GLU D 124 -22.25 -6.13 -20.22
N PRO D 125 -22.56 -6.16 -18.91
CA PRO D 125 -21.77 -6.94 -17.97
C PRO D 125 -22.02 -8.45 -18.07
N ASP D 126 -21.08 -9.23 -17.55
CA ASP D 126 -21.24 -10.67 -17.38
C ASP D 126 -21.60 -11.31 -18.71
N THR D 127 -20.93 -10.85 -19.76
CA THR D 127 -21.22 -11.31 -21.11
C THR D 127 -19.94 -11.78 -21.80
N ASN D 128 -20.07 -12.89 -22.55
CA ASN D 128 -19.02 -13.40 -23.39
C ASN D 128 -19.33 -12.97 -24.84
N TYR D 129 -18.45 -12.15 -25.41
CA TYR D 129 -18.58 -11.67 -26.77
C TYR D 129 -17.63 -12.47 -27.65
N THR D 130 -18.12 -12.82 -28.84
CA THR D 130 -17.33 -13.55 -29.80
C THR D 130 -17.46 -12.84 -31.15
N LEU D 131 -16.35 -12.34 -31.66
CA LEU D 131 -16.34 -11.64 -32.95
C LEU D 131 -15.60 -12.52 -33.95
N LYS D 132 -16.26 -12.85 -35.07
CA LYS D 132 -15.60 -13.67 -36.10
C LYS D 132 -15.61 -12.92 -37.42
N VAL D 133 -14.49 -13.03 -38.13
CA VAL D 133 -14.31 -12.38 -39.42
C VAL D 133 -13.47 -13.31 -40.29
N ASP D 134 -13.84 -13.48 -41.57
CA ASP D 134 -12.99 -14.23 -42.46
C ASP D 134 -11.96 -13.28 -43.10
N VAL D 135 -10.70 -13.69 -43.11
CA VAL D 135 -9.59 -12.87 -43.60
C VAL D 135 -8.97 -13.58 -44.82
N GLY D 136 -8.75 -12.83 -45.90
CA GLY D 136 -8.31 -13.43 -47.15
C GLY D 136 -6.95 -12.92 -47.59
N ASN D 137 -6.12 -13.83 -48.12
CA ASN D 137 -4.81 -13.55 -48.69
C ASN D 137 -4.90 -13.74 -50.21
N LEU D 138 -4.84 -12.64 -50.96
CA LEU D 138 -4.95 -12.72 -52.46
C LEU D 138 -3.78 -13.50 -53.06
N ALA D 139 -4.05 -14.19 -54.17
CA ALA D 139 -2.98 -14.86 -54.89
C ALA D 139 -3.07 -14.47 -56.37
N GLY D 140 -2.05 -14.89 -57.12
CA GLY D 140 -2.04 -14.73 -58.58
C GLY D 140 -1.40 -13.42 -59.00
N THR D 141 -1.87 -12.88 -60.13
CA THR D 141 -1.29 -11.70 -60.79
C THR D 141 -2.38 -10.85 -61.46
N PHE D 142 -2.12 -9.54 -61.52
CA PHE D 142 -2.98 -8.55 -62.16
C PHE D 142 -2.08 -7.59 -62.94
N LYS D 143 -2.00 -7.75 -64.26
CA LYS D 143 -1.26 -6.82 -65.12
C LYS D 143 0.25 -6.85 -64.79
N GLY D 144 0.84 -8.06 -64.72
CA GLY D 144 2.27 -8.23 -64.45
C GLY D 144 2.65 -7.96 -63.00
N LEU D 145 1.65 -7.69 -62.14
CA LEU D 145 1.87 -7.52 -60.68
C LEU D 145 1.60 -8.85 -59.95
N SER D 146 2.50 -9.21 -59.05
CA SER D 146 2.32 -10.41 -58.22
C SER D 146 1.57 -10.03 -56.94
N PHE D 147 0.56 -10.84 -56.59
CA PHE D 147 -0.16 -10.70 -55.31
C PHE D 147 0.44 -11.64 -54.27
N ALA D 148 1.63 -12.20 -54.52
CA ALA D 148 2.29 -13.03 -53.51
C ALA D 148 2.58 -12.17 -52.28
N GLY D 149 2.44 -12.79 -51.12
CA GLY D 149 2.71 -12.04 -49.87
C GLY D 149 1.46 -11.45 -49.26
N PHE D 150 1.60 -11.00 -48.01
CA PHE D 150 0.45 -10.65 -47.17
C PHE D 150 0.90 -9.60 -46.17
N PRO D 151 0.10 -8.55 -45.91
CA PRO D 151 0.58 -7.45 -45.07
C PRO D 151 0.39 -7.68 -43.56
N GLY D 152 -0.34 -8.75 -43.19
CA GLY D 152 -0.72 -8.94 -41.79
C GLY D 152 -2.04 -8.26 -41.52
N TYR D 153 -2.83 -8.82 -40.60
CA TYR D 153 -4.14 -8.31 -40.27
C TYR D 153 -4.26 -8.11 -38.76
N ARG D 154 -5.21 -7.28 -38.36
CA ARG D 154 -5.70 -7.27 -36.97
C ARG D 154 -7.21 -7.06 -36.99
N VAL D 155 -7.91 -7.83 -36.17
CA VAL D 155 -9.32 -7.68 -35.96
C VAL D 155 -9.53 -7.21 -34.53
N GLU D 156 -10.29 -6.12 -34.35
CA GLU D 156 -10.44 -5.50 -33.03
C GLU D 156 -11.91 -5.46 -32.64
N LEU D 157 -12.22 -5.73 -31.37
CA LEU D 157 -13.51 -5.44 -30.79
C LEU D 157 -13.34 -4.25 -29.85
N LEU D 158 -14.16 -3.22 -30.03
CA LEU D 158 -14.10 -1.99 -29.27
C LEU D 158 -15.29 -1.86 -28.32
N ALA D 159 -15.08 -1.01 -27.28
CA ALA D 159 -16.16 -0.32 -26.59
C ALA D 159 -15.71 1.14 -26.49
N GLY D 160 -16.50 2.07 -27.01
CA GLY D 160 -16.00 3.43 -27.16
C GLY D 160 -14.74 3.43 -27.98
N ASP D 161 -13.68 4.17 -27.59
CA ASP D 161 -12.46 4.08 -28.41
C ASP D 161 -11.45 3.14 -27.75
N THR D 162 -11.90 2.23 -26.88
CA THR D 162 -11.00 1.25 -26.27
C THR D 162 -11.05 -0.07 -27.03
N VAL D 163 -9.88 -0.61 -27.36
CA VAL D 163 -9.80 -1.95 -27.90
C VAL D 163 -9.88 -2.95 -26.75
N LEU D 164 -11.04 -3.58 -26.60
CA LEU D 164 -11.24 -4.58 -25.55
C LEU D 164 -10.40 -5.83 -25.81
N ALA D 165 -10.41 -6.28 -27.08
CA ALA D 165 -9.72 -7.51 -27.43
C ALA D 165 -9.37 -7.47 -28.92
N ALA D 166 -8.27 -8.10 -29.29
CA ALA D 166 -7.87 -8.10 -30.70
C ALA D 166 -7.07 -9.33 -31.01
N ASP D 167 -7.22 -9.81 -32.26
CA ASP D 167 -6.37 -10.82 -32.84
C ASP D 167 -5.40 -10.08 -33.77
N HIS D 168 -4.15 -9.93 -33.35
CA HIS D 168 -3.12 -9.33 -34.17
C HIS D 168 -2.36 -10.43 -34.89
N ASN D 169 -2.86 -10.76 -36.09
CA ASN D 169 -2.09 -11.56 -37.05
C ASN D 169 -1.73 -12.95 -36.56
N ASN D 170 -2.60 -13.63 -35.80
CA ASN D 170 -2.27 -14.93 -35.26
C ASN D 170 -2.45 -16.07 -36.28
N LEU D 171 -3.34 -15.92 -37.24
CA LEU D 171 -3.62 -17.02 -38.17
C LEU D 171 -2.60 -17.01 -39.30
N PHE D 172 -2.19 -18.18 -39.74
CA PHE D 172 -1.42 -18.31 -40.99
C PHE D 172 -2.43 -18.49 -42.12
N ILE D 173 -2.37 -17.63 -43.13
CA ILE D 173 -3.32 -17.67 -44.21
C ILE D 173 -2.56 -17.89 -45.51
N LYS D 174 -2.87 -19.01 -46.14
CA LYS D 174 -2.18 -19.42 -47.37
C LYS D 174 -2.63 -18.48 -48.50
N GLU D 175 -1.78 -18.38 -49.50
CA GLU D 175 -2.07 -17.61 -50.72
C GLU D 175 -3.36 -18.16 -51.32
N GLY D 176 -4.32 -17.28 -51.57
CA GLY D 176 -5.54 -17.64 -52.28
C GLY D 176 -6.62 -18.22 -51.37
N GLU D 177 -6.42 -18.16 -50.04
CA GLU D 177 -7.47 -18.69 -49.15
C GLU D 177 -7.95 -17.65 -48.13
N PHE D 178 -9.08 -17.98 -47.53
CA PHE D 178 -9.65 -17.23 -46.40
C PHE D 178 -9.57 -18.12 -45.15
N LYS D 179 -9.38 -17.48 -44.00
CA LYS D 179 -9.49 -18.22 -42.74
C LYS D 179 -10.27 -17.36 -41.75
N THR D 180 -10.97 -18.00 -40.82
CA THR D 180 -11.77 -17.27 -39.84
C THR D 180 -10.93 -16.88 -38.62
N SER D 181 -10.92 -15.57 -38.31
CA SER D 181 -10.29 -15.00 -37.08
C SER D 181 -11.39 -14.94 -36.04
N THR D 182 -11.05 -15.34 -34.81
CA THR D 182 -11.99 -15.21 -33.72
C THR D 182 -11.38 -14.35 -32.60
N VAL D 183 -12.15 -13.35 -32.17
CA VAL D 183 -11.76 -12.45 -31.09
C VAL D 183 -12.77 -12.59 -29.95
N THR D 184 -12.28 -12.75 -28.72
CA THR D 184 -13.19 -12.93 -27.60
C THR D 184 -12.91 -11.93 -26.49
N TYR D 185 -13.99 -11.48 -25.85
CA TYR D 185 -13.91 -10.62 -24.67
C TYR D 185 -15.00 -11.04 -23.67
N THR D 186 -14.60 -11.07 -22.39
CA THR D 186 -15.56 -11.32 -21.34
C THR D 186 -15.63 -10.11 -20.42
N SER D 187 -16.82 -9.53 -20.29
CA SER D 187 -17.01 -8.35 -19.44
C SER D 187 -17.35 -8.80 -18.02
N THR D 188 -17.03 -7.93 -17.04
CA THR D 188 -17.43 -8.12 -15.65
C THR D 188 -18.47 -7.08 -15.25
N ALA D 189 -19.00 -7.19 -14.02
CA ALA D 189 -20.06 -6.31 -13.54
C ALA D 189 -19.51 -4.91 -13.34
N LYS D 190 -18.20 -4.79 -13.16
CA LYS D 190 -17.60 -3.49 -12.86
C LYS D 190 -16.78 -2.97 -14.03
N ASP D 191 -16.97 -3.49 -15.26
CA ASP D 191 -16.18 -3.00 -16.37
C ASP D 191 -16.33 -1.48 -16.49
N LEU D 192 -15.20 -0.80 -16.68
CA LEU D 192 -15.17 0.65 -16.87
C LEU D 192 -16.00 1.06 -18.10
N HIS D 193 -16.05 0.20 -19.11
CA HIS D 193 -16.63 0.60 -20.39
C HIS D 193 -18.08 0.15 -20.57
N LEU D 194 -18.75 -0.37 -19.53
CA LEU D 194 -20.15 -0.72 -19.66
C LEU D 194 -20.90 0.49 -20.21
N GLY D 195 -21.81 0.23 -21.15
CA GLY D 195 -22.72 1.24 -21.67
C GLY D 195 -22.10 2.04 -22.81
N GLN D 196 -20.84 1.79 -23.13
CA GLN D 196 -20.22 2.37 -24.32
C GLN D 196 -20.55 1.51 -25.53
N LYS D 197 -20.72 2.18 -26.67
CA LYS D 197 -21.05 1.53 -27.93
C LYS D 197 -19.95 0.53 -28.32
N LEU D 198 -20.38 -0.69 -28.65
CA LEU D 198 -19.46 -1.68 -29.23
C LEU D 198 -19.04 -1.21 -30.62
N GLY D 199 -17.88 -1.66 -31.05
CA GLY D 199 -17.34 -1.35 -32.35
C GLY D 199 -16.41 -2.43 -32.86
N ILE D 200 -16.16 -2.39 -34.17
CA ILE D 200 -15.34 -3.39 -34.85
C ILE D 200 -14.33 -2.65 -35.75
N ARG D 201 -13.07 -3.07 -35.72
CA ARG D 201 -12.10 -2.61 -36.69
C ARG D 201 -11.46 -3.82 -37.36
N LEU D 202 -11.25 -3.66 -38.67
CA LEU D 202 -10.61 -4.66 -39.51
C LEU D 202 -9.42 -3.96 -40.16
N VAL D 203 -8.21 -4.40 -39.82
CA VAL D 203 -7.02 -3.58 -40.04
C VAL D 203 -6.01 -4.30 -40.94
N ASN D 204 -5.53 -3.57 -41.96
CA ASN D 204 -4.35 -3.93 -42.75
C ASN D 204 -3.11 -3.42 -41.99
N LEU D 205 -2.21 -4.32 -41.58
CA LEU D 205 -1.03 -3.94 -40.79
C LEU D 205 0.15 -3.36 -41.59
N LEU D 206 0.12 -3.47 -42.92
CA LEU D 206 1.21 -3.02 -43.77
C LEU D 206 2.57 -3.46 -43.21
N GLN D 207 2.73 -4.77 -42.95
CA GLN D 207 3.99 -5.26 -42.42
C GLN D 207 4.85 -5.88 -43.53
N ASP D 208 4.27 -6.05 -44.72
CA ASP D 208 4.96 -6.67 -45.83
C ASP D 208 4.10 -6.42 -47.07
N LYS D 209 4.63 -6.83 -48.22
CA LYS D 209 3.95 -6.82 -49.50
C LYS D 209 3.80 -8.23 -50.04
N PHE D 210 2.81 -8.51 -50.92
CA PHE D 210 1.76 -7.63 -51.40
C PHE D 210 0.89 -7.09 -50.25
N SER D 211 0.59 -5.79 -50.25
CA SER D 211 -0.02 -5.19 -49.06
C SER D 211 -1.50 -4.86 -49.27
N GLY D 212 -2.22 -5.83 -49.85
CA GLY D 212 -3.68 -5.81 -49.85
C GLY D 212 -4.20 -7.03 -49.11
N LEU D 213 -5.41 -6.91 -48.58
CA LEU D 213 -6.04 -8.10 -47.97
C LEU D 213 -7.55 -7.87 -47.93
N ASP D 214 -8.27 -8.98 -47.71
CA ASP D 214 -9.68 -8.99 -47.78
C ASP D 214 -10.28 -9.43 -46.43
N PHE D 215 -11.51 -8.99 -46.18
CA PHE D 215 -12.32 -9.43 -45.06
C PHE D 215 -13.73 -9.81 -45.55
N ASP D 216 -14.40 -10.71 -44.85
CA ASP D 216 -15.79 -10.98 -45.14
C ASP D 216 -16.49 -11.56 -43.91
N ASN D 217 -17.82 -11.53 -43.96
CA ASN D 217 -18.71 -12.29 -43.10
C ASN D 217 -18.45 -11.94 -41.62
N VAL D 218 -18.53 -10.66 -41.31
CA VAL D 218 -18.34 -10.20 -39.94
C VAL D 218 -19.55 -10.60 -39.09
N ARG D 219 -19.30 -11.25 -37.94
CA ARG D 219 -20.37 -11.71 -37.07
C ARG D 219 -19.97 -11.44 -35.61
N LEU D 220 -20.91 -10.96 -34.81
CA LEU D 220 -20.64 -10.68 -33.39
C LEU D 220 -21.79 -11.28 -32.58
N THR D 221 -21.44 -12.15 -31.63
CA THR D 221 -22.45 -12.74 -30.76
C THR D 221 -22.15 -12.39 -29.31
N ALA D 222 -23.19 -12.53 -28.48
CA ALA D 222 -23.12 -12.24 -27.05
C ALA D 222 -23.83 -13.38 -26.32
N GLU D 223 -23.25 -13.84 -25.23
CA GLU D 223 -23.94 -14.82 -24.41
C GLU D 223 -23.59 -14.60 -22.94
N PRO D 224 -24.44 -15.07 -22.01
CA PRO D 224 -24.12 -14.90 -20.60
C PRO D 224 -22.87 -15.72 -20.24
N THR D 225 -22.06 -15.21 -19.32
CA THR D 225 -20.92 -15.97 -18.79
C THR D 225 -21.36 -17.17 -17.93
CA CA E . 15.25 13.71 10.30
CA CA F . -3.31 10.32 10.61
C TRS G . 9.68 0.22 -0.63
C1 TRS G . 9.68 -0.59 0.65
C2 TRS G . 8.51 1.20 -0.55
C3 TRS G . 9.60 -0.68 -1.88
N TRS G . 10.98 0.99 -0.81
O1 TRS G . 10.86 -1.40 0.77
O2 TRS G . 8.52 2.07 -1.72
O3 TRS G . 8.52 -1.65 -1.85
O1 PG4 H . 0.89 -0.66 0.76
C1 PG4 H . 0.90 0.43 1.69
C2 PG4 H . 0.48 0.05 3.13
O2 PG4 H . 0.18 1.28 3.81
C3 PG4 H . 0.18 1.19 5.23
C4 PG4 H . 1.64 1.32 5.66
O3 PG4 H . 2.18 2.65 5.46
C5 PG4 H . 3.30 2.98 6.30
C6 PG4 H . 3.64 4.47 6.25
O4 PG4 H . 4.90 4.71 5.63
C7 PG4 H . 4.81 5.85 4.77
C8 PG4 H . 6.12 6.62 4.66
O5 PG4 H . 6.23 7.49 5.80
CA CA I . 7.96 -18.40 -12.15
CA CA J . -7.75 -8.31 -9.77
CA CA K . -6.97 16.80 50.48
CA CA L . 10.88 10.75 50.49
CA CA M . -19.72 -11.25 -48.50
CA CA N . -1.00 -12.71 -51.29
C TRS O . -26.95 -10.31 -22.09
C1 TRS O . -26.98 -11.45 -21.07
C2 TRS O . -28.25 -9.51 -22.09
C3 TRS O . -26.51 -10.81 -23.47
N TRS O . -25.86 -9.38 -21.68
O1 TRS O . -25.63 -11.92 -20.88
O2 TRS O . -28.53 -8.97 -20.75
O3 TRS O . -27.60 -11.40 -24.15
#